data_7E4D
#
_entry.id   7E4D
#
_cell.length_a   64.461
_cell.length_b   87.184
_cell.length_c   117.573
_cell.angle_alpha   90.000
_cell.angle_beta   90.000
_cell.angle_gamma   90.000
#
_symmetry.space_group_name_H-M   'P 21 21 21'
#
_entity_poly.entity_id   1
_entity_poly.type   'polypeptide(L)'
_entity_poly.pdbx_seq_one_letter_code
;MGHHHHHHHHHHSSGHIEGRHMSNLSSKEIRLKARPVGMPKDSDFEVASADVLQPGDGEVLVRNIWMSVDPYMRGRMMDR
ESYVPPFQIGKPLEGGAIGQVVESKSDKLKVGTYVNHMWGWREYATGPAAGFTPVDPSLGPIEAFLGTLGMPGMTAWAGL
FKVANLKDGETVFVSAASGAVGSVVCQLAKAHGCYVVGSAGSDEKCKWLEEVAGIDKAINYKTCGDLTKAVADAFPKGID
VYFENVGGKHLEAAINAMRPNGRAALCGMIEQYNDTEPRPGPTNLIQIVGKSLRLQGFIVSNYFQHMGEFFAEMGPLIQS
GKMKWEETVEEGIENAPKAFLNLFKGANFGKMLVKIGPDKAV
;
_entity_poly.pdbx_strand_id   A,B
#
# COMPACT_ATOMS: atom_id res chain seq x y z
N ASN A 24 7.92 16.35 -49.47
CA ASN A 24 8.53 15.99 -50.75
C ASN A 24 8.82 14.50 -50.83
N LEU A 25 9.02 13.89 -49.67
CA LEU A 25 9.32 12.47 -49.54
C LEU A 25 8.06 11.69 -49.17
N SER A 26 8.19 10.36 -49.17
CA SER A 26 7.14 9.47 -48.71
C SER A 26 7.59 8.79 -47.43
N SER A 27 6.62 8.40 -46.60
CA SER A 27 6.91 7.74 -45.33
C SER A 27 6.03 6.50 -45.19
N LYS A 28 6.65 5.34 -45.00
CA LYS A 28 5.89 4.12 -44.77
C LYS A 28 5.38 4.11 -43.33
N GLU A 29 4.16 3.61 -43.16
CA GLU A 29 3.50 3.57 -41.86
C GLU A 29 2.75 2.26 -41.71
N ILE A 30 2.58 1.86 -40.45
CA ILE A 30 1.79 0.69 -40.09
C ILE A 30 0.50 1.19 -39.46
N ARG A 31 -0.62 0.95 -40.13
CA ARG A 31 -1.95 1.37 -39.67
C ARG A 31 -2.76 0.15 -39.24
N LEU A 32 -3.74 0.41 -38.38
CA LEU A 32 -4.64 -0.63 -37.90
C LEU A 32 -5.74 -0.86 -38.93
N LYS A 33 -5.71 -2.03 -39.59
CA LYS A 33 -6.73 -2.33 -40.58
C LYS A 33 -7.99 -2.89 -39.93
N ALA A 34 -7.85 -3.64 -38.85
CA ALA A 34 -8.99 -4.23 -38.16
C ALA A 34 -8.63 -4.53 -36.72
N ARG A 35 -9.60 -4.35 -35.83
CA ARG A 35 -9.43 -4.72 -34.43
C ARG A 35 -9.25 -6.22 -34.32
N PRO A 36 -8.21 -6.70 -33.62
CA PRO A 36 -8.00 -8.15 -33.53
C PRO A 36 -9.09 -8.84 -32.73
N VAL A 37 -9.44 -10.04 -33.17
CA VAL A 37 -10.34 -10.92 -32.44
C VAL A 37 -9.47 -11.94 -31.71
N GLY A 38 -9.52 -11.92 -30.38
CA GLY A 38 -8.64 -12.75 -29.59
C GLY A 38 -7.19 -12.33 -29.71
N MET A 39 -6.36 -13.20 -30.31
CA MET A 39 -4.96 -12.84 -30.51
C MET A 39 -4.79 -12.02 -31.79
N PRO A 40 -3.84 -11.08 -31.81
CA PRO A 40 -3.65 -10.27 -33.00
C PRO A 40 -3.04 -11.08 -34.14
N LYS A 41 -3.52 -10.82 -35.36
CA LYS A 41 -3.05 -11.47 -36.57
C LYS A 41 -2.33 -10.48 -37.47
N ASP A 42 -1.52 -11.03 -38.39
CA ASP A 42 -0.83 -10.19 -39.35
C ASP A 42 -1.80 -9.45 -40.26
N SER A 43 -2.98 -10.02 -40.49
CA SER A 43 -3.98 -9.38 -41.34
C SER A 43 -4.59 -8.13 -40.70
N ASP A 44 -4.34 -7.89 -39.42
CA ASP A 44 -4.87 -6.71 -38.76
C ASP A 44 -4.07 -5.44 -39.05
N PHE A 45 -2.88 -5.57 -39.63
CA PHE A 45 -1.99 -4.44 -39.88
C PHE A 45 -1.91 -4.14 -41.37
N GLU A 46 -1.59 -2.88 -41.69
CA GLU A 46 -1.56 -2.41 -43.06
C GLU A 46 -0.38 -1.49 -43.27
N VAL A 47 0.54 -1.85 -44.16
CA VAL A 47 1.62 -0.95 -44.55
C VAL A 47 1.10 0.02 -45.60
N ALA A 48 1.37 1.31 -45.41
CA ALA A 48 0.85 2.35 -46.29
C ALA A 48 1.89 3.44 -46.48
N SER A 49 1.69 4.25 -47.51
CA SER A 49 2.55 5.40 -47.80
C SER A 49 1.82 6.68 -47.46
N ALA A 50 2.46 7.53 -46.65
CA ALA A 50 1.91 8.81 -46.24
C ALA A 50 2.87 9.93 -46.63
N ASP A 51 2.36 11.15 -46.56
CA ASP A 51 3.13 12.32 -46.93
C ASP A 51 4.01 12.78 -45.77
N VAL A 52 5.10 13.45 -46.09
CA VAL A 52 5.98 14.06 -45.09
C VAL A 52 5.63 15.53 -45.04
N LEU A 53 4.74 15.90 -44.11
CA LEU A 53 4.34 17.28 -43.97
C LEU A 53 5.52 18.13 -43.51
N GLN A 54 5.77 19.23 -44.21
CA GLN A 54 6.81 20.15 -43.78
C GLN A 54 6.35 20.88 -42.52
N PRO A 55 7.24 21.12 -41.56
CA PRO A 55 6.79 21.65 -40.27
C PRO A 55 6.35 23.10 -40.37
N GLY A 56 5.28 23.43 -39.65
CA GLY A 56 4.82 24.78 -39.52
C GLY A 56 5.50 25.50 -38.37
N ASP A 57 4.95 26.66 -38.02
CA ASP A 57 5.55 27.48 -36.97
C ASP A 57 5.50 26.74 -35.64
N GLY A 58 6.65 26.70 -34.96
CA GLY A 58 6.74 25.98 -33.70
C GLY A 58 6.77 24.48 -33.83
N GLU A 59 6.83 23.95 -35.05
CA GLU A 59 6.76 22.52 -35.29
C GLU A 59 8.10 21.99 -35.77
N VAL A 60 8.16 20.66 -35.86
CA VAL A 60 9.38 19.96 -36.22
C VAL A 60 9.03 18.78 -37.10
N LEU A 61 9.93 18.44 -38.01
CA LEU A 61 9.87 17.24 -38.82
C LEU A 61 11.05 16.36 -38.44
N VAL A 62 10.76 15.11 -38.05
CA VAL A 62 11.72 14.19 -37.47
C VAL A 62 11.70 12.90 -38.29
N ARG A 63 12.88 12.38 -38.60
CA ARG A 63 13.02 11.07 -39.23
C ARG A 63 13.28 10.02 -38.16
N ASN A 64 12.47 8.97 -38.15
CA ASN A 64 12.55 7.97 -37.10
C ASN A 64 13.70 7.00 -37.38
N ILE A 65 14.42 6.65 -36.32
CA ILE A 65 15.53 5.71 -36.39
C ILE A 65 15.17 4.37 -35.74
N TRP A 66 14.81 4.38 -34.47
CA TRP A 66 14.40 3.19 -33.74
C TRP A 66 12.93 3.29 -33.37
N MET A 67 12.26 2.14 -33.31
CA MET A 67 10.93 2.11 -32.73
C MET A 67 10.77 0.85 -31.88
N SER A 68 9.90 0.95 -30.89
CA SER A 68 9.68 -0.11 -29.92
C SER A 68 8.31 -0.75 -30.12
N VAL A 69 8.24 -2.05 -29.85
CA VAL A 69 6.98 -2.78 -29.74
C VAL A 69 6.92 -3.38 -28.35
N ASP A 70 5.78 -3.22 -27.68
CA ASP A 70 5.62 -3.60 -26.29
C ASP A 70 4.31 -4.36 -26.14
N PRO A 71 4.17 -5.18 -25.09
CA PRO A 71 2.93 -5.95 -24.92
C PRO A 71 1.71 -5.08 -24.74
N TYR A 72 1.81 -3.98 -23.99
CA TYR A 72 0.65 -3.14 -23.71
C TYR A 72 -0.02 -2.67 -24.98
N MET A 73 0.75 -2.52 -26.07
CA MET A 73 0.17 -2.07 -27.34
C MET A 73 -0.97 -2.98 -27.80
N ARG A 74 -0.89 -4.27 -27.47
CA ARG A 74 -1.99 -5.19 -27.77
C ARG A 74 -3.31 -4.67 -27.20
N GLY A 75 -3.29 -4.25 -25.93
CA GLY A 75 -4.49 -3.67 -25.35
C GLY A 75 -4.98 -2.44 -26.08
N ARG A 76 -4.06 -1.67 -26.66
CA ARG A 76 -4.45 -0.48 -27.42
C ARG A 76 -5.10 -0.82 -28.75
N MET A 77 -5.12 -2.09 -29.14
CA MET A 77 -5.74 -2.50 -30.40
C MET A 77 -7.18 -2.93 -30.23
N MET A 78 -7.67 -3.00 -29.00
CA MET A 78 -9.06 -3.33 -28.70
C MET A 78 -9.86 -2.08 -28.36
N ASP A 79 -11.17 -2.16 -28.56
CA ASP A 79 -12.09 -1.07 -28.31
C ASP A 79 -12.57 -1.02 -26.86
N ARG A 80 -12.02 -1.86 -25.99
CA ARG A 80 -12.47 -1.91 -24.60
C ARG A 80 -12.12 -0.61 -23.89
N GLU A 81 -12.87 -0.32 -22.83
CA GLU A 81 -12.57 0.82 -21.97
C GLU A 81 -11.17 0.67 -21.38
N SER A 82 -10.30 1.62 -21.69
CA SER A 82 -8.89 1.56 -21.30
C SER A 82 -8.47 2.88 -20.68
N TYR A 83 -7.43 2.81 -19.84
CA TYR A 83 -6.84 4.03 -19.30
C TYR A 83 -6.11 4.83 -20.37
N VAL A 84 -5.75 4.20 -21.49
CA VAL A 84 -5.08 4.86 -22.60
C VAL A 84 -5.98 4.76 -23.83
N PRO A 85 -6.12 5.82 -24.62
CA PRO A 85 -6.97 5.74 -25.81
C PRO A 85 -6.47 4.69 -26.78
N PRO A 86 -7.36 3.84 -27.28
CA PRO A 86 -6.95 2.81 -28.24
C PRO A 86 -6.51 3.41 -29.56
N PHE A 87 -5.85 2.59 -30.37
CA PHE A 87 -5.54 2.97 -31.74
C PHE A 87 -6.83 3.09 -32.54
N GLN A 88 -6.73 3.71 -33.71
CA GLN A 88 -7.87 3.95 -34.57
C GLN A 88 -7.68 3.23 -35.90
N ILE A 89 -8.77 2.65 -36.41
CA ILE A 89 -8.71 1.97 -37.70
C ILE A 89 -8.45 2.99 -38.80
N GLY A 90 -7.48 2.69 -39.66
CA GLY A 90 -7.06 3.59 -40.71
C GLY A 90 -5.97 4.57 -40.31
N LYS A 91 -5.75 4.77 -39.01
CA LYS A 91 -4.70 5.65 -38.50
C LYS A 91 -3.44 4.86 -38.18
N PRO A 92 -2.26 5.43 -38.42
CA PRO A 92 -1.02 4.73 -38.10
C PRO A 92 -0.88 4.52 -36.60
N LEU A 93 -0.35 3.36 -36.23
CA LEU A 93 -0.18 3.01 -34.83
C LEU A 93 0.80 3.97 -34.15
N GLU A 94 0.75 3.99 -32.82
CA GLU A 94 1.60 4.85 -32.02
C GLU A 94 2.37 4.03 -30.99
N GLY A 95 3.57 4.51 -30.66
CA GLY A 95 4.43 3.82 -29.73
C GLY A 95 5.75 4.54 -29.61
N GLY A 96 6.52 4.13 -28.61
CA GLY A 96 7.78 4.80 -28.34
C GLY A 96 8.73 4.73 -29.51
N ALA A 97 9.41 5.85 -29.79
CA ALA A 97 10.30 5.93 -30.93
C ALA A 97 11.38 6.96 -30.66
N ILE A 98 12.56 6.71 -31.23
CA ILE A 98 13.69 7.63 -31.19
C ILE A 98 13.98 8.06 -32.62
N GLY A 99 13.90 9.37 -32.86
CA GLY A 99 14.17 9.93 -34.17
C GLY A 99 15.19 11.06 -34.08
N GLN A 100 15.45 11.66 -35.23
CA GLN A 100 16.35 12.81 -35.31
C GLN A 100 15.65 13.96 -36.01
N VAL A 101 15.74 15.14 -35.41
CA VAL A 101 15.15 16.33 -36.02
C VAL A 101 15.86 16.64 -37.34
N VAL A 102 15.13 16.60 -38.43
CA VAL A 102 15.67 16.96 -39.73
C VAL A 102 15.19 18.31 -40.23
N GLU A 103 14.06 18.81 -39.74
CA GLU A 103 13.64 20.17 -40.04
C GLU A 103 12.99 20.77 -38.81
N SER A 104 13.23 22.06 -38.57
CA SER A 104 12.69 22.68 -37.37
C SER A 104 12.30 24.12 -37.64
N LYS A 105 11.08 24.47 -37.25
CA LYS A 105 10.63 25.86 -37.19
C LYS A 105 10.32 26.28 -35.75
N SER A 106 11.00 25.65 -34.79
CA SER A 106 10.83 25.96 -33.37
C SER A 106 12.18 26.29 -32.76
N ASP A 107 12.21 27.35 -31.94
CA ASP A 107 13.44 27.73 -31.28
C ASP A 107 13.81 26.80 -30.13
N LYS A 108 12.83 26.11 -29.55
CA LYS A 108 13.08 25.25 -28.39
C LYS A 108 13.65 23.89 -28.77
N LEU A 109 13.80 23.59 -30.06
CA LEU A 109 14.33 22.30 -30.49
C LEU A 109 15.07 22.50 -31.80
N LYS A 110 16.38 22.25 -31.80
CA LYS A 110 17.24 22.56 -32.93
C LYS A 110 17.42 21.34 -33.82
N VAL A 111 17.69 21.62 -35.10
CA VAL A 111 17.92 20.55 -36.07
C VAL A 111 19.11 19.70 -35.64
N GLY A 112 19.01 18.40 -35.85
CA GLY A 112 20.06 17.47 -35.51
C GLY A 112 19.86 16.79 -34.17
N THR A 113 18.98 17.31 -33.33
CA THR A 113 18.76 16.75 -32.01
C THR A 113 18.07 15.40 -32.10
N TYR A 114 18.55 14.45 -31.30
CA TYR A 114 17.90 13.15 -31.18
C TYR A 114 16.78 13.25 -30.15
N VAL A 115 15.59 12.80 -30.53
CA VAL A 115 14.37 13.05 -29.77
C VAL A 115 13.64 11.76 -29.52
N ASN A 116 13.05 11.65 -28.33
CA ASN A 116 12.13 10.57 -27.99
C ASN A 116 10.70 11.08 -28.13
N HIS A 117 9.84 10.23 -28.68
CA HIS A 117 8.44 10.61 -28.88
C HIS A 117 7.59 9.35 -28.97
N MET A 118 6.29 9.54 -29.22
CA MET A 118 5.34 8.43 -29.22
C MET A 118 4.75 8.16 -30.59
N TRP A 119 5.29 8.76 -31.65
CA TRP A 119 4.79 8.54 -33.01
C TRP A 119 5.71 7.56 -33.75
N GLY A 120 5.69 6.31 -33.28
CA GLY A 120 6.41 5.24 -33.92
C GLY A 120 5.60 4.63 -35.05
N TRP A 121 5.96 3.40 -35.42
CA TRP A 121 5.33 2.66 -36.50
C TRP A 121 5.32 3.45 -37.81
N ARG A 122 6.27 4.37 -37.97
CA ARG A 122 6.33 5.22 -39.16
C ARG A 122 7.77 5.72 -39.31
N GLU A 123 8.07 6.26 -40.48
CA GLU A 123 9.41 6.73 -40.79
C GLU A 123 9.59 8.22 -40.54
N TYR A 124 8.53 9.02 -40.67
CA TYR A 124 8.62 10.45 -40.45
C TYR A 124 7.47 10.91 -39.56
N ALA A 125 7.74 11.94 -38.77
CA ALA A 125 6.73 12.52 -37.88
C ALA A 125 6.86 14.03 -37.89
N THR A 126 5.74 14.71 -38.08
CA THR A 126 5.69 16.17 -38.09
C THR A 126 4.72 16.63 -37.02
N GLY A 127 5.16 17.56 -36.18
CA GLY A 127 4.30 18.05 -35.12
C GLY A 127 4.95 19.08 -34.22
N PRO A 128 4.18 19.66 -33.31
CA PRO A 128 4.75 20.68 -32.42
C PRO A 128 5.91 20.15 -31.61
N ALA A 129 6.87 21.03 -31.33
CA ALA A 129 8.10 20.64 -30.66
C ALA A 129 7.88 20.08 -29.28
N ALA A 130 6.74 20.40 -28.64
CA ALA A 130 6.48 19.90 -27.29
C ALA A 130 6.45 18.38 -27.24
N GLY A 131 5.89 17.74 -28.28
CA GLY A 131 5.77 16.29 -28.30
C GLY A 131 7.06 15.52 -28.51
N PHE A 132 8.20 16.20 -28.62
CA PHE A 132 9.49 15.55 -28.88
C PHE A 132 10.46 15.90 -27.77
N THR A 133 10.92 14.88 -27.05
CA THR A 133 11.83 15.10 -25.92
C THR A 133 13.24 14.73 -26.34
N PRO A 134 14.19 15.67 -26.27
CA PRO A 134 15.57 15.33 -26.64
C PRO A 134 16.17 14.31 -25.69
N VAL A 135 17.01 13.44 -26.23
CA VAL A 135 17.68 12.38 -25.47
C VAL A 135 19.18 12.61 -25.56
N ASP A 136 19.85 12.55 -24.40
CA ASP A 136 21.30 12.75 -24.35
C ASP A 136 22.01 11.44 -24.64
N PRO A 137 22.74 11.32 -25.75
CA PRO A 137 23.40 10.04 -26.07
C PRO A 137 24.62 9.74 -25.22
N SER A 138 25.11 10.70 -24.44
CA SER A 138 26.11 10.42 -23.41
C SER A 138 25.68 9.26 -22.51
N LEU A 139 24.43 9.32 -22.02
CA LEU A 139 23.97 8.34 -21.03
C LEU A 139 24.00 6.92 -21.57
N GLY A 140 23.84 6.74 -22.88
CA GLY A 140 23.89 5.43 -23.49
C GLY A 140 23.42 5.48 -24.92
N PRO A 141 23.35 4.32 -25.57
CA PRO A 141 22.79 4.27 -26.93
C PRO A 141 21.37 4.80 -26.94
N ILE A 142 21.04 5.55 -28.00
CA ILE A 142 19.75 6.24 -28.04
C ILE A 142 18.60 5.24 -28.00
N GLU A 143 18.78 4.06 -28.57
CA GLU A 143 17.72 3.05 -28.56
C GLU A 143 17.44 2.57 -27.13
N ALA A 144 18.44 2.62 -26.25
CA ALA A 144 18.21 2.29 -24.86
C ALA A 144 17.24 3.26 -24.19
N PHE A 145 17.04 4.45 -24.79
CA PHE A 145 16.03 5.38 -24.31
C PHE A 145 14.61 4.90 -24.59
N LEU A 146 14.45 3.76 -25.26
CA LEU A 146 13.16 3.09 -25.35
C LEU A 146 13.03 1.94 -24.37
N GLY A 147 14.10 1.57 -23.67
CA GLY A 147 14.07 0.47 -22.73
C GLY A 147 14.61 0.82 -21.37
N THR A 148 15.93 0.64 -21.20
CA THR A 148 16.55 0.87 -19.90
C THR A 148 16.47 2.33 -19.51
N LEU A 149 16.77 3.24 -20.44
CA LEU A 149 16.64 4.67 -20.21
C LEU A 149 15.27 5.20 -20.60
N GLY A 150 14.29 4.31 -20.82
CA GLY A 150 12.96 4.74 -21.21
C GLY A 150 11.91 4.40 -20.18
N MET A 151 10.69 4.10 -20.64
CA MET A 151 9.57 3.86 -19.75
C MET A 151 9.73 2.58 -18.91
N PRO A 152 10.27 1.48 -19.46
CA PRO A 152 10.49 0.32 -18.58
C PRO A 152 11.48 0.59 -17.46
N GLY A 153 12.64 1.15 -17.79
CA GLY A 153 13.62 1.45 -16.76
C GLY A 153 13.13 2.49 -15.77
N MET A 154 12.40 3.50 -16.27
CA MET A 154 11.90 4.52 -15.36
C MET A 154 10.77 3.98 -14.48
N THR A 155 9.96 3.07 -15.00
CA THR A 155 8.97 2.38 -14.17
C THR A 155 9.65 1.60 -13.06
N ALA A 156 10.68 0.82 -13.43
CA ALA A 156 11.47 0.10 -12.43
C ALA A 156 12.00 1.05 -11.36
N TRP A 157 12.64 2.14 -11.79
CA TRP A 157 13.29 3.05 -10.85
C TRP A 157 12.28 3.73 -9.93
N ALA A 158 11.15 4.17 -10.49
CA ALA A 158 10.12 4.83 -9.68
C ALA A 158 9.52 3.84 -8.68
N GLY A 159 9.20 2.63 -9.13
CA GLY A 159 8.66 1.63 -8.21
C GLY A 159 9.63 1.25 -7.12
N LEU A 160 10.92 1.24 -7.43
CA LEU A 160 11.91 0.84 -6.43
C LEU A 160 12.16 1.95 -5.41
N PHE A 161 12.35 3.18 -5.88
CA PHE A 161 12.81 4.25 -5.01
C PHE A 161 11.74 5.27 -4.65
N LYS A 162 10.74 5.48 -5.49
CA LYS A 162 9.70 6.45 -5.18
C LYS A 162 8.44 5.84 -4.59
N VAL A 163 8.20 4.54 -4.83
CA VAL A 163 7.03 3.87 -4.28
C VAL A 163 7.43 2.99 -3.11
N ALA A 164 8.37 2.07 -3.32
CA ALA A 164 8.81 1.17 -2.26
C ALA A 164 9.79 1.83 -1.31
N ASN A 165 10.41 2.94 -1.71
CA ASN A 165 11.42 3.64 -0.91
C ASN A 165 12.51 2.68 -0.44
N LEU A 166 13.20 2.08 -1.41
CA LEU A 166 14.20 1.06 -1.11
C LEU A 166 15.43 1.68 -0.44
N LYS A 167 15.67 1.29 0.81
CA LYS A 167 16.91 1.65 1.50
C LYS A 167 18.01 0.65 1.13
N ASP A 168 19.25 1.14 1.13
CA ASP A 168 20.38 0.31 0.72
C ASP A 168 20.59 -0.85 1.69
N GLY A 169 20.80 -2.04 1.14
CA GLY A 169 21.03 -3.24 1.92
C GLY A 169 19.79 -4.05 2.21
N GLU A 170 18.60 -3.57 1.87
CA GLU A 170 17.38 -4.30 2.13
C GLU A 170 17.28 -5.51 1.20
N THR A 171 16.37 -6.42 1.53
CA THR A 171 16.12 -7.59 0.70
C THR A 171 15.01 -7.28 -0.30
N VAL A 172 15.15 -7.82 -1.51
CA VAL A 172 14.27 -7.49 -2.63
C VAL A 172 13.81 -8.78 -3.30
N PHE A 173 12.49 -8.91 -3.46
CA PHE A 173 11.90 -9.99 -4.25
C PHE A 173 11.21 -9.40 -5.46
N VAL A 174 11.58 -9.88 -6.65
CA VAL A 174 11.07 -9.36 -7.91
C VAL A 174 10.43 -10.51 -8.67
N SER A 175 9.16 -10.34 -9.05
CA SER A 175 8.45 -11.33 -9.84
C SER A 175 8.53 -10.97 -11.32
N ALA A 176 8.55 -12.01 -12.16
CA ALA A 176 8.80 -11.87 -13.60
C ALA A 176 10.06 -11.05 -13.84
N ALA A 177 11.14 -11.44 -13.17
CA ALA A 177 12.36 -10.64 -13.13
C ALA A 177 13.07 -10.58 -14.47
N SER A 178 12.78 -11.48 -15.40
CA SER A 178 13.41 -11.45 -16.71
C SER A 178 12.73 -10.51 -17.68
N GLY A 179 11.64 -9.85 -17.26
CA GLY A 179 10.96 -8.89 -18.11
C GLY A 179 11.70 -7.58 -18.21
N ALA A 180 11.14 -6.68 -19.03
CA ALA A 180 11.78 -5.39 -19.27
C ALA A 180 11.91 -4.59 -17.97
N VAL A 181 10.89 -4.65 -17.13
CA VAL A 181 10.92 -3.89 -15.87
C VAL A 181 11.67 -4.65 -14.79
N GLY A 182 11.40 -5.95 -14.66
CA GLY A 182 11.98 -6.73 -13.57
C GLY A 182 13.50 -6.79 -13.62
N SER A 183 14.07 -6.89 -14.83
CA SER A 183 15.52 -6.92 -14.96
C SER A 183 16.15 -5.64 -14.44
N VAL A 184 15.58 -4.50 -14.79
CA VAL A 184 16.10 -3.23 -14.30
C VAL A 184 15.91 -3.12 -12.79
N VAL A 185 14.78 -3.61 -12.27
CA VAL A 185 14.59 -3.62 -10.82
C VAL A 185 15.69 -4.43 -10.14
N CYS A 186 15.95 -5.62 -10.65
CA CYS A 186 16.96 -6.50 -10.07
C CYS A 186 18.33 -5.84 -10.08
N GLN A 187 18.72 -5.27 -11.21
CA GLN A 187 20.07 -4.70 -11.30
C GLN A 187 20.18 -3.40 -10.50
N LEU A 188 19.10 -2.63 -10.41
CA LEU A 188 19.11 -1.44 -9.57
C LEU A 188 19.26 -1.82 -8.10
N ALA A 189 18.56 -2.86 -7.65
CA ALA A 189 18.68 -3.29 -6.27
C ALA A 189 20.08 -3.85 -5.99
N LYS A 190 20.61 -4.65 -6.93
CA LYS A 190 21.98 -5.14 -6.79
C LYS A 190 22.97 -3.99 -6.66
N ALA A 191 22.79 -2.94 -7.47
CA ALA A 191 23.68 -1.79 -7.40
C ALA A 191 23.63 -1.08 -6.05
N HIS A 192 22.54 -1.23 -5.30
CA HIS A 192 22.41 -0.63 -3.97
C HIS A 192 22.67 -1.64 -2.85
N GLY A 193 23.40 -2.71 -3.14
CA GLY A 193 23.81 -3.63 -2.10
C GLY A 193 22.71 -4.51 -1.54
N CYS A 194 21.73 -4.87 -2.35
CA CYS A 194 20.56 -5.60 -1.90
C CYS A 194 20.66 -7.08 -2.26
N TYR A 195 20.16 -7.93 -1.36
CA TYR A 195 20.02 -9.36 -1.64
C TYR A 195 18.75 -9.55 -2.46
N VAL A 196 18.89 -9.99 -3.71
CA VAL A 196 17.81 -9.98 -4.68
C VAL A 196 17.49 -11.41 -5.11
N VAL A 197 16.22 -11.78 -4.99
CA VAL A 197 15.70 -13.04 -5.52
C VAL A 197 14.66 -12.72 -6.57
N GLY A 198 14.75 -13.38 -7.73
CA GLY A 198 13.82 -13.14 -8.81
C GLY A 198 13.10 -14.39 -9.27
N SER A 199 11.96 -14.22 -9.93
CA SER A 199 11.17 -15.32 -10.45
C SER A 199 11.07 -15.20 -11.98
N ALA A 200 11.04 -16.35 -12.63
CA ALA A 200 10.99 -16.40 -14.09
C ALA A 200 10.30 -17.70 -14.51
N GLY A 201 9.84 -17.73 -15.75
CA GLY A 201 9.08 -18.84 -16.28
C GLY A 201 9.85 -19.91 -17.01
N SER A 202 11.17 -19.82 -17.09
CA SER A 202 11.96 -20.80 -17.81
C SER A 202 13.36 -20.87 -17.23
N ASP A 203 14.03 -21.99 -17.49
CA ASP A 203 15.38 -22.18 -16.95
C ASP A 203 16.39 -21.26 -17.62
N GLU A 204 16.19 -20.95 -18.90
CA GLU A 204 17.08 -20.01 -19.59
C GLU A 204 16.99 -18.62 -18.97
N LYS A 205 15.77 -18.17 -18.66
CA LYS A 205 15.61 -16.86 -18.05
C LYS A 205 16.21 -16.83 -16.65
N CYS A 206 16.13 -17.93 -15.92
CA CYS A 206 16.73 -17.98 -14.59
C CYS A 206 18.25 -17.94 -14.67
N LYS A 207 18.83 -18.70 -15.62
CA LYS A 207 20.27 -18.66 -15.82
C LYS A 207 20.73 -17.26 -16.21
N TRP A 208 19.96 -16.59 -17.08
CA TRP A 208 20.31 -15.21 -17.44
C TRP A 208 20.23 -14.28 -16.24
N LEU A 209 19.19 -14.42 -15.42
CA LEU A 209 19.04 -13.58 -14.24
C LEU A 209 20.22 -13.76 -13.29
N GLU A 210 20.68 -15.01 -13.13
CA GLU A 210 21.73 -15.27 -12.14
C GLU A 210 23.11 -14.91 -12.67
N GLU A 211 23.36 -15.12 -13.96
CA GLU A 211 24.71 -14.94 -14.51
C GLU A 211 24.94 -13.59 -15.17
N VAL A 212 23.93 -13.03 -15.83
CA VAL A 212 24.10 -11.74 -16.50
C VAL A 212 23.64 -10.62 -15.56
N ALA A 213 22.39 -10.70 -15.11
CA ALA A 213 21.87 -9.68 -14.19
C ALA A 213 22.57 -9.74 -12.84
N GLY A 214 23.04 -10.93 -12.43
CA GLY A 214 23.80 -11.07 -11.21
C GLY A 214 22.98 -10.94 -9.95
N ILE A 215 21.87 -11.67 -9.88
CA ILE A 215 21.04 -11.69 -8.69
C ILE A 215 21.43 -12.91 -7.86
N ASP A 216 21.01 -12.90 -6.60
CA ASP A 216 21.47 -13.92 -5.67
C ASP A 216 20.81 -15.27 -5.93
N LYS A 217 19.56 -15.28 -6.36
CA LYS A 217 18.90 -16.54 -6.71
C LYS A 217 17.72 -16.26 -7.63
N ALA A 218 17.51 -17.15 -8.59
CA ALA A 218 16.36 -17.07 -9.50
C ALA A 218 15.50 -18.31 -9.30
N ILE A 219 14.20 -18.10 -9.14
CA ILE A 219 13.22 -19.16 -8.91
C ILE A 219 12.39 -19.32 -10.18
N ASN A 220 12.21 -20.57 -10.61
CA ASN A 220 11.35 -20.87 -11.76
C ASN A 220 9.97 -21.21 -11.21
N TYR A 221 9.03 -20.25 -11.32
CA TYR A 221 7.71 -20.45 -10.74
C TYR A 221 6.89 -21.50 -11.47
N LYS A 222 7.33 -21.96 -12.64
CA LYS A 222 6.61 -23.03 -13.32
C LYS A 222 7.02 -24.40 -12.82
N THR A 223 8.25 -24.54 -12.29
CA THR A 223 8.79 -25.83 -11.90
C THR A 223 9.09 -25.97 -10.41
N CYS A 224 9.13 -24.88 -9.65
CA CYS A 224 9.62 -24.92 -8.28
C CYS A 224 8.64 -25.54 -7.29
N GLY A 225 7.49 -26.02 -7.74
CA GLY A 225 6.55 -26.56 -6.78
C GLY A 225 5.90 -25.46 -5.96
N ASP A 226 5.87 -25.67 -4.65
CA ASP A 226 5.28 -24.69 -3.75
C ASP A 226 6.06 -23.38 -3.82
N LEU A 227 5.42 -22.33 -4.31
CA LEU A 227 6.13 -21.07 -4.49
C LEU A 227 6.29 -20.31 -3.17
N THR A 228 5.31 -20.41 -2.26
CA THR A 228 5.47 -19.83 -0.94
C THR A 228 6.72 -20.37 -0.24
N LYS A 229 6.87 -21.69 -0.24
CA LYS A 229 8.03 -22.30 0.41
C LYS A 229 9.32 -21.94 -0.30
N ALA A 230 9.30 -21.87 -1.64
CA ALA A 230 10.50 -21.49 -2.38
C ALA A 230 10.93 -20.07 -2.04
N VAL A 231 9.97 -19.15 -1.96
CA VAL A 231 10.30 -17.77 -1.61
C VAL A 231 10.81 -17.68 -0.18
N ALA A 232 10.17 -18.42 0.74
CA ALA A 232 10.63 -18.42 2.13
C ALA A 232 12.06 -18.95 2.25
N ASP A 233 12.37 -20.03 1.54
CA ASP A 233 13.72 -20.58 1.58
C ASP A 233 14.72 -19.66 0.90
N ALA A 234 14.27 -18.90 -0.11
CA ALA A 234 15.16 -17.95 -0.78
C ALA A 234 15.50 -16.75 0.08
N PHE A 235 14.65 -16.44 1.07
CA PHE A 235 14.85 -15.29 1.97
C PHE A 235 14.98 -15.80 3.40
N PRO A 236 16.20 -16.06 3.86
CA PRO A 236 16.35 -16.58 5.24
C PRO A 236 15.92 -15.59 6.31
N LYS A 237 16.01 -14.29 6.05
CA LYS A 237 15.61 -13.27 7.01
C LYS A 237 14.40 -12.47 6.57
N GLY A 238 13.73 -12.87 5.48
CA GLY A 238 12.52 -12.23 5.04
C GLY A 238 12.75 -11.26 3.88
N ILE A 239 11.66 -10.63 3.46
CA ILE A 239 11.64 -9.70 2.34
C ILE A 239 11.37 -8.29 2.86
N ASP A 240 12.14 -7.32 2.37
CA ASP A 240 11.89 -5.91 2.66
C ASP A 240 11.05 -5.24 1.59
N VAL A 241 11.40 -5.43 0.32
CA VAL A 241 10.74 -4.77 -0.79
C VAL A 241 10.32 -5.84 -1.79
N TYR A 242 9.09 -5.73 -2.28
CA TYR A 242 8.54 -6.68 -3.26
C TYR A 242 8.07 -5.92 -4.49
N PHE A 243 8.70 -6.19 -5.63
CA PHE A 243 8.29 -5.60 -6.91
C PHE A 243 7.45 -6.62 -7.68
N GLU A 244 6.23 -6.23 -8.04
CA GLU A 244 5.24 -7.14 -8.60
C GLU A 244 5.09 -6.92 -10.09
N ASN A 245 5.16 -8.01 -10.86
CA ASN A 245 4.90 -7.95 -12.30
C ASN A 245 3.94 -9.03 -12.80
N VAL A 246 3.65 -10.06 -12.02
CA VAL A 246 2.76 -11.13 -12.45
C VAL A 246 1.49 -11.12 -11.61
N GLY A 247 1.59 -11.54 -10.35
CA GLY A 247 0.44 -11.57 -9.46
C GLY A 247 0.08 -12.97 -8.99
N GLY A 248 -1.14 -13.13 -8.50
CA GLY A 248 -1.64 -14.42 -8.04
C GLY A 248 -0.94 -14.96 -6.81
N LYS A 249 -0.34 -16.15 -6.94
CA LYS A 249 0.35 -16.76 -5.81
C LYS A 249 1.67 -16.06 -5.47
N HIS A 250 2.20 -15.25 -6.39
CA HIS A 250 3.42 -14.51 -6.10
C HIS A 250 3.20 -13.51 -4.97
N LEU A 251 2.07 -12.79 -4.99
CA LEU A 251 1.76 -11.87 -3.91
C LEU A 251 1.55 -12.62 -2.59
N GLU A 252 0.91 -13.77 -2.65
CA GLU A 252 0.73 -14.59 -1.44
C GLU A 252 2.09 -14.98 -0.85
N ALA A 253 2.99 -15.48 -1.70
CA ALA A 253 4.31 -15.88 -1.21
C ALA A 253 5.07 -14.69 -0.65
N ALA A 254 5.02 -13.55 -1.35
CA ALA A 254 5.72 -12.36 -0.87
C ALA A 254 5.19 -11.94 0.50
N ILE A 255 3.87 -11.83 0.63
CA ILE A 255 3.28 -11.44 1.91
C ILE A 255 3.67 -12.43 3.00
N ASN A 256 3.70 -13.73 2.66
CA ASN A 256 4.10 -14.73 3.64
C ASN A 256 5.54 -14.51 4.10
N ALA A 257 6.44 -14.14 3.19
CA ALA A 257 7.84 -14.00 3.51
C ALA A 257 8.28 -12.57 3.78
N MET A 258 7.35 -11.61 3.79
CA MET A 258 7.74 -10.22 4.00
C MET A 258 7.99 -9.92 5.47
N ARG A 259 8.90 -8.98 5.71
CA ARG A 259 9.31 -8.51 7.02
C ARG A 259 8.39 -7.40 7.51
N PRO A 260 8.42 -7.10 8.80
CA PRO A 260 7.69 -5.93 9.32
C PRO A 260 8.05 -4.67 8.55
N ASN A 261 7.03 -3.87 8.23
CA ASN A 261 7.16 -2.65 7.44
C ASN A 261 7.61 -2.91 6.01
N GLY A 262 7.38 -4.11 5.49
CA GLY A 262 7.69 -4.38 4.10
C GLY A 262 6.80 -3.59 3.16
N ARG A 263 7.39 -3.16 2.03
CA ARG A 263 6.69 -2.39 1.01
C ARG A 263 6.59 -3.21 -0.26
N ALA A 264 5.45 -3.08 -0.94
CA ALA A 264 5.18 -3.79 -2.19
C ALA A 264 4.78 -2.77 -3.26
N ALA A 265 5.64 -2.63 -4.28
CA ALA A 265 5.32 -1.84 -5.46
C ALA A 265 4.71 -2.75 -6.51
N LEU A 266 3.47 -2.47 -6.90
CA LEU A 266 2.68 -3.32 -7.79
C LEU A 266 2.53 -2.68 -9.16
N CYS A 267 2.90 -3.42 -10.20
CA CYS A 267 2.89 -2.93 -11.58
C CYS A 267 1.80 -3.61 -12.40
N PRO A 282 -5.71 -14.09 -2.52
CA PRO A 282 -4.77 -14.50 -1.49
C PRO A 282 -5.44 -14.79 -0.15
N THR A 283 -4.97 -15.82 0.55
CA THR A 283 -5.60 -16.25 1.79
C THR A 283 -4.91 -15.72 3.04
N ASN A 284 -3.83 -14.93 2.89
CA ASN A 284 -3.04 -14.50 4.03
C ASN A 284 -3.00 -12.97 4.15
N LEU A 285 -4.09 -12.30 3.77
CA LEU A 285 -4.11 -10.84 3.81
C LEU A 285 -3.96 -10.31 5.23
N ILE A 286 -4.35 -11.09 6.23
CA ILE A 286 -4.28 -10.65 7.63
C ILE A 286 -2.87 -10.21 7.99
N GLN A 287 -1.85 -10.85 7.42
CA GLN A 287 -0.47 -10.51 7.76
C GLN A 287 -0.14 -9.05 7.43
N ILE A 288 -0.86 -8.46 6.46
CA ILE A 288 -0.66 -7.05 6.15
C ILE A 288 -0.85 -6.20 7.40
N VAL A 289 -1.86 -6.54 8.21
CA VAL A 289 -2.06 -5.83 9.47
C VAL A 289 -0.95 -6.18 10.45
N GLY A 290 -0.56 -7.45 10.51
CA GLY A 290 0.40 -7.88 11.50
C GLY A 290 1.77 -7.25 11.31
N LYS A 291 2.28 -7.28 10.09
CA LYS A 291 3.61 -6.80 9.79
C LYS A 291 3.62 -5.36 9.29
N SER A 292 2.49 -4.66 9.38
CA SER A 292 2.38 -3.27 8.95
C SER A 292 2.84 -3.10 7.51
N LEU A 293 2.37 -3.99 6.64
CA LEU A 293 2.77 -3.97 5.25
C LEU A 293 2.04 -2.88 4.48
N ARG A 294 2.72 -2.34 3.48
CA ARG A 294 2.17 -1.34 2.57
C ARG A 294 2.17 -1.92 1.16
N LEU A 295 1.02 -1.89 0.51
CA LEU A 295 0.86 -2.39 -0.85
C LEU A 295 0.36 -1.25 -1.72
N GLN A 296 1.17 -0.82 -2.69
CA GLN A 296 0.85 0.36 -3.49
C GLN A 296 0.97 0.03 -4.96
N GLY A 297 -0.14 0.16 -5.69
CA GLY A 297 -0.06 0.18 -7.14
C GLY A 297 0.33 1.55 -7.65
N PHE A 298 0.95 1.58 -8.82
CA PHE A 298 1.43 2.84 -9.35
C PHE A 298 1.55 2.76 -10.85
N ILE A 299 1.51 3.93 -11.49
CA ILE A 299 1.77 4.08 -12.91
C ILE A 299 2.93 5.06 -13.07
N VAL A 300 3.82 4.74 -14.02
CA VAL A 300 5.05 5.53 -14.17
C VAL A 300 4.73 6.97 -14.57
N SER A 301 3.59 7.20 -15.23
CA SER A 301 3.22 8.53 -15.68
C SER A 301 3.23 9.55 -14.55
N ASN A 302 2.89 9.13 -13.33
CA ASN A 302 2.80 10.04 -12.19
C ASN A 302 4.16 10.33 -11.56
N TYR A 303 5.27 9.94 -12.19
CA TYR A 303 6.59 10.14 -11.60
C TYR A 303 7.59 10.77 -12.56
N PHE A 304 7.16 11.25 -13.73
CA PHE A 304 8.07 11.85 -14.70
C PHE A 304 8.86 13.01 -14.11
N GLN A 305 8.34 13.64 -13.07
CA GLN A 305 9.02 14.77 -12.41
C GLN A 305 10.33 14.36 -11.75
N HIS A 306 10.64 13.06 -11.77
CA HIS A 306 11.91 12.58 -11.22
C HIS A 306 12.88 12.13 -12.29
N MET A 307 12.50 12.22 -13.57
CA MET A 307 13.28 11.61 -14.64
C MET A 307 14.74 12.07 -14.61
N GLY A 308 14.96 13.37 -14.41
CA GLY A 308 16.30 13.89 -14.24
C GLY A 308 17.11 13.06 -13.28
N GLU A 309 16.66 12.99 -12.02
CA GLU A 309 17.33 12.14 -11.05
C GLU A 309 17.54 10.74 -11.60
N PHE A 310 16.48 10.18 -12.19
CA PHE A 310 16.56 8.87 -12.84
C PHE A 310 17.77 8.78 -13.77
N PHE A 311 17.85 9.71 -14.73
CA PHE A 311 19.00 9.70 -15.65
C PHE A 311 20.31 9.77 -14.88
N ALA A 312 20.37 10.64 -13.87
CA ALA A 312 21.61 10.80 -13.10
C ALA A 312 22.10 9.49 -12.53
N GLU A 313 21.19 8.56 -12.24
CA GLU A 313 21.60 7.25 -11.77
C GLU A 313 21.77 6.24 -12.89
N MET A 314 20.94 6.32 -13.94
CA MET A 314 20.91 5.24 -14.91
C MET A 314 22.11 5.29 -15.87
N GLY A 315 22.59 6.50 -16.18
CA GLY A 315 23.74 6.66 -17.04
C GLY A 315 24.97 5.94 -16.52
N PRO A 316 25.45 6.32 -15.33
CA PRO A 316 26.64 5.67 -14.77
C PRO A 316 26.52 4.15 -14.68
N LEU A 317 25.40 3.65 -14.14
CA LEU A 317 25.28 2.21 -13.91
C LEU A 317 25.30 1.41 -15.20
N ILE A 318 24.96 2.04 -16.33
CA ILE A 318 25.13 1.38 -17.62
C ILE A 318 26.60 1.38 -18.03
N GLN A 319 27.27 2.53 -17.89
CA GLN A 319 28.68 2.61 -18.29
C GLN A 319 29.56 1.72 -17.43
N SER A 320 29.21 1.56 -16.15
CA SER A 320 29.93 0.66 -15.28
C SER A 320 29.75 -0.81 -15.66
N GLY A 321 28.80 -1.11 -16.53
CA GLY A 321 28.46 -2.48 -16.83
C GLY A 321 27.56 -3.15 -15.82
N LYS A 322 27.04 -2.40 -14.86
CA LYS A 322 26.15 -2.94 -13.83
C LYS A 322 24.70 -2.99 -14.27
N MET A 323 24.36 -2.43 -15.43
CA MET A 323 22.99 -2.43 -15.94
C MET A 323 23.01 -3.00 -17.35
N LYS A 324 22.64 -4.27 -17.49
CA LYS A 324 22.65 -4.97 -18.76
C LYS A 324 21.22 -5.34 -19.17
N TRP A 325 21.04 -5.54 -20.47
CA TRP A 325 19.75 -5.92 -21.02
C TRP A 325 19.99 -6.62 -22.35
N GLU A 326 18.97 -7.36 -22.79
CA GLU A 326 19.01 -8.04 -24.07
C GLU A 326 18.08 -7.38 -25.07
N GLU A 327 18.47 -7.41 -26.33
CA GLU A 327 17.70 -6.81 -27.41
C GLU A 327 17.46 -7.83 -28.49
N THR A 328 16.32 -7.68 -29.16
CA THR A 328 15.99 -8.42 -30.38
C THR A 328 15.55 -7.38 -31.39
N VAL A 329 16.37 -7.16 -32.41
CA VAL A 329 16.20 -6.05 -33.35
C VAL A 329 15.83 -6.62 -34.70
N GLU A 330 14.65 -6.27 -35.18
CA GLU A 330 14.29 -6.51 -36.57
C GLU A 330 14.57 -5.26 -37.39
N GLU A 331 14.67 -5.44 -38.71
CA GLU A 331 15.09 -4.39 -39.61
C GLU A 331 13.97 -4.05 -40.59
N GLY A 332 13.71 -2.76 -40.77
CA GLY A 332 12.71 -2.31 -41.71
C GLY A 332 11.33 -2.12 -41.13
N ILE A 333 10.65 -1.06 -41.55
CA ILE A 333 9.30 -0.78 -41.08
C ILE A 333 8.36 -1.93 -41.42
N GLU A 334 8.57 -2.59 -42.56
CA GLU A 334 7.71 -3.69 -42.98
C GLU A 334 7.73 -4.85 -41.99
N ASN A 335 8.76 -4.95 -41.16
CA ASN A 335 8.90 -5.98 -40.15
C ASN A 335 8.38 -5.55 -38.78
N ALA A 336 7.79 -4.35 -38.68
CA ALA A 336 7.22 -3.91 -37.41
C ALA A 336 6.10 -4.82 -36.90
N PRO A 337 5.16 -5.30 -37.71
CA PRO A 337 4.18 -6.25 -37.16
C PRO A 337 4.81 -7.54 -36.68
N LYS A 338 5.68 -8.14 -37.50
CA LYS A 338 6.43 -9.33 -37.12
C LYS A 338 6.96 -9.22 -35.70
N ALA A 339 7.78 -8.19 -35.45
CA ALA A 339 8.35 -7.99 -34.13
C ALA A 339 7.28 -8.01 -33.05
N PHE A 340 6.20 -7.26 -33.27
CA PHE A 340 5.13 -7.21 -32.28
C PHE A 340 4.54 -8.59 -32.04
N LEU A 341 4.32 -9.35 -33.12
CA LEU A 341 3.76 -10.69 -32.97
C LEU A 341 4.72 -11.61 -32.26
N ASN A 342 6.02 -11.29 -32.28
CA ASN A 342 7.01 -12.11 -31.60
C ASN A 342 7.05 -11.84 -30.10
N LEU A 343 6.26 -10.89 -29.60
CA LEU A 343 6.23 -10.66 -28.16
C LEU A 343 5.39 -11.71 -27.43
N PHE A 344 4.63 -12.52 -28.15
CA PHE A 344 3.75 -13.52 -27.55
C PHE A 344 4.04 -14.93 -28.07
N LYS A 345 5.07 -15.10 -28.88
CA LYS A 345 5.40 -16.42 -29.44
C LYS A 345 6.72 -16.91 -28.86
N ASN A 348 12.00 -16.38 -27.33
CA ASN A 348 12.71 -16.25 -26.06
C ASN A 348 12.28 -14.99 -25.33
N PHE A 349 13.19 -14.02 -25.22
CA PHE A 349 12.93 -12.79 -24.50
C PHE A 349 13.93 -11.73 -24.94
N GLY A 350 13.96 -10.62 -24.22
CA GLY A 350 14.72 -9.44 -24.56
C GLY A 350 13.82 -8.32 -25.06
N LYS A 351 14.36 -7.10 -25.01
CA LYS A 351 13.61 -5.94 -25.46
C LYS A 351 13.48 -5.96 -26.99
N MET A 352 12.25 -5.93 -27.48
CA MET A 352 11.98 -6.02 -28.91
C MET A 352 12.03 -4.63 -29.53
N LEU A 353 12.86 -4.47 -30.55
CA LEU A 353 12.95 -3.21 -31.28
C LEU A 353 13.00 -3.48 -32.77
N VAL A 354 12.71 -2.44 -33.56
CA VAL A 354 12.88 -2.50 -35.00
C VAL A 354 13.53 -1.20 -35.47
N LYS A 355 14.61 -1.34 -36.24
CA LYS A 355 15.34 -0.20 -36.78
C LYS A 355 14.69 0.28 -38.07
N ILE A 356 14.46 1.60 -38.15
CA ILE A 356 13.75 2.20 -39.27
C ILE A 356 14.71 3.02 -40.13
N GLY A 357 15.17 4.15 -39.59
CA GLY A 357 16.04 5.05 -40.30
C GLY A 357 17.50 4.81 -39.99
N PRO A 358 18.38 5.58 -40.61
CA PRO A 358 19.81 5.43 -40.34
C PRO A 358 20.19 6.05 -39.00
N ASP A 359 21.29 5.55 -38.45
CA ASP A 359 21.76 6.02 -37.15
C ASP A 359 22.01 7.52 -37.15
N LYS A 360 22.39 8.08 -38.28
CA LYS A 360 22.62 9.52 -38.42
C LYS A 360 21.87 9.99 -39.66
N ALA A 361 20.71 10.63 -39.46
CA ALA A 361 19.93 11.16 -40.56
C ALA A 361 20.42 12.52 -41.04
N VAL A 362 21.06 13.30 -40.16
CA VAL A 362 21.58 14.61 -40.52
C VAL A 362 22.61 15.04 -39.49
N ASN B 24 0.00 -2.16 54.32
CA ASN B 24 -1.13 -2.26 55.23
C ASN B 24 -2.43 -2.56 54.46
N LEU B 25 -2.47 -2.15 53.20
CA LEU B 25 -3.64 -2.35 52.37
C LEU B 25 -3.47 -3.57 51.47
N SER B 26 -4.59 -3.98 50.85
CA SER B 26 -4.63 -5.09 49.91
C SER B 26 -5.01 -4.57 48.52
N SER B 27 -4.61 -5.32 47.49
CA SER B 27 -4.99 -5.01 46.12
C SER B 27 -5.48 -6.28 45.46
N LYS B 28 -6.74 -6.28 45.05
CA LYS B 28 -7.28 -7.43 44.33
C LYS B 28 -6.89 -7.35 42.86
N GLU B 29 -6.51 -8.49 42.29
CA GLU B 29 -6.05 -8.56 40.90
C GLU B 29 -6.56 -9.83 40.25
N ILE B 30 -6.65 -9.78 38.92
CA ILE B 30 -7.05 -10.92 38.11
C ILE B 30 -5.82 -11.51 37.45
N ARG B 31 -5.47 -12.74 37.82
CA ARG B 31 -4.33 -13.45 37.28
C ARG B 31 -4.79 -14.54 36.34
N LEU B 32 -3.90 -14.93 35.43
CA LEU B 32 -4.19 -16.01 34.49
C LEU B 32 -3.96 -17.33 35.22
N LYS B 33 -5.04 -18.07 35.49
CA LYS B 33 -4.93 -19.33 36.19
C LYS B 33 -4.55 -20.47 35.28
N ALA B 34 -4.94 -20.42 34.01
CA ALA B 34 -4.64 -21.48 33.06
C ALA B 34 -4.66 -20.89 31.66
N ARG B 35 -3.78 -21.41 30.81
CA ARG B 35 -3.75 -20.98 29.42
C ARG B 35 -5.05 -21.35 28.73
N PRO B 36 -5.79 -20.40 28.16
CA PRO B 36 -7.03 -20.76 27.47
C PRO B 36 -6.74 -21.48 26.16
N VAL B 37 -7.58 -22.47 25.87
CA VAL B 37 -7.55 -23.19 24.59
C VAL B 37 -8.70 -22.68 23.73
N GLY B 38 -8.37 -22.10 22.58
CA GLY B 38 -9.39 -21.53 21.73
C GLY B 38 -10.07 -20.35 22.40
N MET B 39 -11.35 -20.52 22.74
CA MET B 39 -12.02 -19.46 23.46
C MET B 39 -11.73 -19.57 24.96
N PRO B 40 -11.58 -18.44 25.65
CA PRO B 40 -11.29 -18.49 27.08
C PRO B 40 -12.50 -18.89 27.89
N LYS B 41 -12.25 -19.61 28.98
CA LYS B 41 -13.29 -20.01 29.90
C LYS B 41 -13.16 -19.21 31.19
N ASP B 42 -14.26 -19.14 31.93
CA ASP B 42 -14.24 -18.41 33.19
C ASP B 42 -13.26 -19.04 34.18
N SER B 43 -13.04 -20.35 34.06
CA SER B 43 -12.10 -21.06 34.92
C SER B 43 -10.64 -20.71 34.62
N ASP B 44 -10.38 -19.98 33.54
CA ASP B 44 -9.01 -19.58 33.19
C ASP B 44 -8.52 -18.39 33.99
N PHE B 45 -9.41 -17.69 34.69
CA PHE B 45 -9.07 -16.49 35.44
C PHE B 45 -9.11 -16.79 36.94
N GLU B 46 -8.34 -16.03 37.71
CA GLU B 46 -8.23 -16.25 39.15
C GLU B 46 -8.17 -14.91 39.86
N VAL B 47 -9.13 -14.66 40.74
CA VAL B 47 -9.09 -13.47 41.58
C VAL B 47 -8.15 -13.74 42.75
N ALA B 48 -7.25 -12.80 43.03
CA ALA B 48 -6.28 -12.99 44.10
C ALA B 48 -6.05 -11.66 44.80
N SER B 49 -5.51 -11.75 46.01
CA SER B 49 -5.16 -10.59 46.80
C SER B 49 -3.64 -10.46 46.87
N ALA B 50 -3.13 -9.29 46.51
CA ALA B 50 -1.70 -9.02 46.49
C ALA B 50 -1.39 -7.82 47.38
N ASP B 51 -0.10 -7.65 47.67
CA ASP B 51 0.34 -6.58 48.53
C ASP B 51 0.45 -5.27 47.77
N VAL B 52 0.33 -4.17 48.49
CA VAL B 52 0.51 -2.83 47.94
C VAL B 52 1.91 -2.40 48.36
N LEU B 53 2.88 -2.64 47.48
CA LEU B 53 4.26 -2.26 47.76
C LEU B 53 4.40 -0.75 47.80
N GLN B 54 5.06 -0.25 48.85
CA GLN B 54 5.29 1.18 48.96
C GLN B 54 6.35 1.60 47.93
N PRO B 55 6.18 2.78 47.31
CA PRO B 55 7.07 3.14 46.19
C PRO B 55 8.47 3.50 46.65
N GLY B 56 9.45 3.07 45.87
CA GLY B 56 10.84 3.45 46.07
C GLY B 56 11.17 4.75 45.35
N ASP B 57 12.46 5.03 45.27
CA ASP B 57 12.93 6.26 44.64
C ASP B 57 12.55 6.30 43.16
N GLY B 58 11.99 7.43 42.73
CA GLY B 58 11.54 7.57 41.37
C GLY B 58 10.27 6.82 41.03
N GLU B 59 9.61 6.23 42.02
CA GLU B 59 8.43 5.41 41.80
C GLU B 59 7.19 6.08 42.38
N VAL B 60 6.03 5.52 42.04
CA VAL B 60 4.73 6.02 42.47
C VAL B 60 3.82 4.83 42.71
N LEU B 61 2.89 5.01 43.64
CA LEU B 61 1.81 4.08 43.90
C LEU B 61 0.49 4.74 43.52
N VAL B 62 -0.28 4.05 42.68
CA VAL B 62 -1.48 4.57 42.07
C VAL B 62 -2.64 3.63 42.38
N ARG B 63 -3.77 4.19 42.78
CA ARG B 63 -5.01 3.44 42.98
C ARG B 63 -5.84 3.52 41.71
N ASN B 64 -6.24 2.35 41.19
CA ASN B 64 -6.95 2.29 39.92
C ASN B 64 -8.42 2.63 40.09
N ILE B 65 -8.95 3.40 39.14
CA ILE B 65 -10.36 3.76 39.11
C ILE B 65 -11.09 3.04 37.98
N TRP B 66 -10.63 3.23 36.75
CA TRP B 66 -11.18 2.57 35.58
C TRP B 66 -10.15 1.61 34.98
N MET B 67 -10.65 0.53 34.38
CA MET B 67 -9.79 -0.35 33.60
C MET B 67 -10.52 -0.75 32.33
N SER B 68 -9.73 -1.08 31.31
CA SER B 68 -10.25 -1.41 29.98
C SER B 68 -10.08 -2.90 29.70
N VAL B 69 -11.03 -3.44 28.93
CA VAL B 69 -10.91 -4.76 28.32
C VAL B 69 -11.05 -4.58 26.82
N ASP B 70 -10.17 -5.21 26.06
CA ASP B 70 -10.08 -4.99 24.63
C ASP B 70 -9.95 -6.34 23.93
N PRO B 71 -10.31 -6.40 22.64
CA PRO B 71 -10.25 -7.70 21.94
C PRO B 71 -8.85 -8.28 21.85
N TYR B 72 -7.83 -7.45 21.59
CA TYR B 72 -6.47 -7.94 21.42
C TYR B 72 -6.01 -8.76 22.62
N MET B 73 -6.55 -8.46 23.81
CA MET B 73 -6.15 -9.19 25.01
C MET B 73 -6.36 -10.69 24.86
N ARG B 74 -7.40 -11.10 24.12
CA ARG B 74 -7.60 -12.52 23.88
C ARG B 74 -6.36 -13.15 23.25
N GLY B 75 -5.81 -12.50 22.20
CA GLY B 75 -4.60 -13.00 21.60
C GLY B 75 -3.43 -13.04 22.55
N ARG B 76 -3.40 -12.12 23.52
CA ARG B 76 -2.32 -12.11 24.50
C ARG B 76 -2.45 -13.24 25.52
N MET B 77 -3.56 -13.95 25.54
CA MET B 77 -3.74 -15.09 26.44
C MET B 77 -3.41 -16.41 25.78
N MET B 78 -3.02 -16.40 24.51
CA MET B 78 -2.63 -17.62 23.82
C MET B 78 -1.11 -17.74 23.82
N ASP B 79 -0.62 -18.97 23.74
CA ASP B 79 0.81 -19.22 23.73
C ASP B 79 1.42 -19.16 22.34
N ARG B 80 0.65 -18.78 21.33
CA ARG B 80 1.15 -18.74 19.97
C ARG B 80 2.23 -17.66 19.83
N GLU B 81 3.09 -17.84 18.82
CA GLU B 81 4.08 -16.83 18.48
C GLU B 81 3.37 -15.52 18.15
N SER B 82 3.67 -14.48 18.92
CA SER B 82 2.96 -13.21 18.80
C SER B 82 3.96 -12.06 18.72
N TYR B 83 3.51 -10.96 18.10
CA TYR B 83 4.29 -9.73 18.09
C TYR B 83 4.35 -9.08 19.47
N VAL B 84 3.42 -9.41 20.36
CA VAL B 84 3.39 -8.87 21.71
C VAL B 84 3.55 -10.02 22.70
N PRO B 85 4.31 -9.84 23.77
CA PRO B 85 4.50 -10.93 24.74
C PRO B 85 3.18 -11.37 25.35
N PRO B 86 2.92 -12.67 25.40
CA PRO B 86 1.68 -13.15 26.01
C PRO B 86 1.67 -12.94 27.51
N PHE B 87 0.48 -13.05 28.10
CA PHE B 87 0.37 -13.06 29.54
C PHE B 87 1.00 -14.33 30.10
N GLN B 88 1.23 -14.33 31.41
CA GLN B 88 1.89 -15.43 32.08
C GLN B 88 0.96 -16.05 33.12
N ILE B 89 1.01 -17.38 33.22
CA ILE B 89 0.19 -18.09 34.18
C ILE B 89 0.65 -17.75 35.59
N GLY B 90 -0.29 -17.41 36.46
CA GLY B 90 0.01 -16.99 37.82
C GLY B 90 0.28 -15.51 37.98
N LYS B 91 0.56 -14.80 36.89
CA LYS B 91 0.80 -13.35 36.94
C LYS B 91 -0.49 -12.60 36.64
N PRO B 92 -0.71 -11.46 37.30
CA PRO B 92 -1.92 -10.67 37.02
C PRO B 92 -1.91 -10.14 35.59
N LEU B 93 -3.09 -10.13 34.99
CA LEU B 93 -3.23 -9.67 33.61
C LEU B 93 -2.87 -8.20 33.50
N GLU B 94 -2.62 -7.76 32.27
CA GLU B 94 -2.23 -6.38 32.01
C GLU B 94 -3.17 -5.78 30.96
N GLY B 95 -3.39 -4.48 31.07
CA GLY B 95 -4.29 -3.80 30.16
C GLY B 95 -4.43 -2.34 30.57
N GLY B 96 -5.03 -1.58 29.66
CA GLY B 96 -5.16 -0.15 29.90
C GLY B 96 -5.97 0.14 31.16
N ALA B 97 -5.53 1.15 31.90
CA ALA B 97 -6.16 1.51 33.16
C ALA B 97 -5.93 2.99 33.44
N ILE B 98 -6.90 3.60 34.12
CA ILE B 98 -6.82 4.98 34.57
C ILE B 98 -6.85 4.98 36.09
N GLY B 99 -5.80 5.51 36.71
CA GLY B 99 -5.72 5.60 38.16
C GLY B 99 -5.38 7.01 38.60
N GLN B 100 -5.23 7.16 39.91
CA GLN B 100 -4.82 8.42 40.51
C GLN B 100 -3.61 8.16 41.39
N VAL B 101 -2.58 8.99 41.23
CA VAL B 101 -1.37 8.86 42.04
C VAL B 101 -1.71 9.16 43.50
N VAL B 102 -1.55 8.17 44.36
CA VAL B 102 -1.79 8.35 45.78
C VAL B 102 -0.49 8.42 46.59
N GLU B 103 0.62 7.91 46.08
CA GLU B 103 1.90 8.07 46.74
C GLU B 103 2.97 8.29 45.69
N SER B 104 3.95 9.15 45.98
CA SER B 104 4.98 9.45 45.01
C SER B 104 6.30 9.71 45.71
N LYS B 105 7.34 9.00 45.26
CA LYS B 105 8.72 9.31 45.63
C LYS B 105 9.52 9.77 44.42
N SER B 106 8.83 10.36 43.44
CA SER B 106 9.44 10.88 42.23
C SER B 106 9.06 12.35 42.07
N ASP B 107 10.05 13.17 41.70
CA ASP B 107 9.78 14.59 41.51
C ASP B 107 9.00 14.89 40.24
N LYS B 108 9.07 13.99 39.25
CA LYS B 108 8.42 14.23 37.96
C LYS B 108 6.93 13.90 37.96
N LEU B 109 6.39 13.39 39.06
CA LEU B 109 4.97 13.05 39.12
C LEU B 109 4.48 13.21 40.55
N LYS B 110 3.55 14.14 40.75
CA LYS B 110 3.08 14.52 42.07
C LYS B 110 1.82 13.76 42.46
N VAL B 111 1.62 13.61 43.76
CA VAL B 111 0.43 12.93 44.28
C VAL B 111 -0.83 13.65 43.82
N GLY B 112 -1.86 12.86 43.49
CA GLY B 112 -3.13 13.39 43.05
C GLY B 112 -3.34 13.38 41.55
N THR B 113 -2.28 13.22 40.77
CA THR B 113 -2.40 13.25 39.32
C THR B 113 -3.12 12.02 38.79
N TYR B 114 -4.04 12.24 37.85
CA TYR B 114 -4.70 11.14 37.16
C TYR B 114 -3.81 10.66 36.02
N VAL B 115 -3.54 9.36 35.98
CA VAL B 115 -2.53 8.77 35.11
C VAL B 115 -3.14 7.59 34.35
N ASN B 116 -2.72 7.43 33.10
CA ASN B 116 -3.03 6.26 32.29
C ASN B 116 -1.82 5.33 32.28
N HIS B 117 -2.09 4.03 32.38
CA HIS B 117 -1.01 3.04 32.41
C HIS B 117 -1.55 1.71 31.90
N MET B 118 -0.68 0.70 31.93
CA MET B 118 -1.00 -0.62 31.38
C MET B 118 -1.09 -1.70 32.45
N TRP B 119 -1.12 -1.34 33.72
CA TRP B 119 -1.23 -2.30 34.80
C TRP B 119 -2.68 -2.32 35.32
N GLY B 120 -3.57 -2.79 34.45
CA GLY B 120 -4.96 -2.99 34.80
C GLY B 120 -5.19 -4.33 35.46
N TRP B 121 -6.46 -4.75 35.45
CA TRP B 121 -6.88 -6.00 36.08
C TRP B 121 -6.49 -6.07 37.55
N ARG B 122 -6.31 -4.91 38.19
CA ARG B 122 -5.89 -4.86 39.58
C ARG B 122 -6.34 -3.52 40.17
N GLU B 123 -6.28 -3.43 41.50
CA GLU B 123 -6.75 -2.23 42.19
C GLU B 123 -5.62 -1.25 42.48
N TYR B 124 -4.40 -1.72 42.67
CA TYR B 124 -3.26 -0.87 42.99
C TYR B 124 -2.09 -1.23 42.09
N ALA B 125 -1.28 -0.22 41.77
CA ALA B 125 -0.10 -0.43 40.93
C ALA B 125 1.05 0.43 41.45
N THR B 126 2.22 -0.20 41.64
CA THR B 126 3.41 0.49 42.09
C THR B 126 4.50 0.33 41.05
N GLY B 127 5.13 1.44 40.67
CA GLY B 127 6.19 1.38 39.68
C GLY B 127 6.78 2.74 39.35
N PRO B 128 7.84 2.76 38.56
CA PRO B 128 8.49 4.03 38.21
C PRO B 128 7.53 4.99 37.54
N ALA B 129 7.73 6.29 37.81
CA ALA B 129 6.81 7.30 37.32
C ALA B 129 6.74 7.35 35.81
N ALA B 130 7.78 6.88 35.11
CA ALA B 130 7.77 6.89 33.65
C ALA B 130 6.61 6.09 33.09
N GLY B 131 6.27 4.96 33.73
CA GLY B 131 5.21 4.10 33.26
C GLY B 131 3.80 4.62 33.47
N PHE B 132 3.66 5.83 34.02
CA PHE B 132 2.35 6.42 34.28
C PHE B 132 2.26 7.76 33.55
N THR B 133 1.33 7.85 32.61
CA THR B 133 1.18 9.05 31.80
C THR B 133 -0.01 9.86 32.30
N PRO B 134 0.18 11.11 32.70
CA PRO B 134 -0.95 11.92 33.17
C PRO B 134 -1.97 12.16 32.07
N VAL B 135 -3.23 12.21 32.46
CA VAL B 135 -4.35 12.44 31.55
C VAL B 135 -5.04 13.74 31.97
N ASP B 136 -5.29 14.61 30.99
CA ASP B 136 -5.91 15.90 31.26
C ASP B 136 -7.43 15.72 31.28
N PRO B 137 -8.10 15.85 32.43
CA PRO B 137 -9.55 15.64 32.46
C PRO B 137 -10.36 16.78 31.87
N SER B 138 -9.75 17.93 31.58
CA SER B 138 -10.41 18.97 30.81
C SER B 138 -11.00 18.41 29.52
N LEU B 139 -10.20 17.65 28.77
CA LEU B 139 -10.62 17.15 27.47
C LEU B 139 -11.84 16.24 27.56
N GLY B 140 -12.03 15.57 28.70
CA GLY B 140 -13.19 14.72 28.88
C GLY B 140 -13.12 13.84 30.11
N PRO B 141 -14.14 13.00 30.30
CA PRO B 141 -14.10 12.03 31.40
C PRO B 141 -12.89 11.13 31.30
N ILE B 142 -12.28 10.84 32.46
CA ILE B 142 -11.02 10.10 32.48
C ILE B 142 -11.18 8.72 31.86
N GLU B 143 -12.35 8.10 32.00
CA GLU B 143 -12.54 6.78 31.42
C GLU B 143 -12.49 6.81 29.90
N ALA B 144 -12.84 7.95 29.29
CA ALA B 144 -12.70 8.10 27.85
C ALA B 144 -11.25 8.02 27.42
N PHE B 145 -10.30 8.21 28.33
CA PHE B 145 -8.89 8.03 28.02
C PHE B 145 -8.53 6.56 27.83
N LEU B 146 -9.47 5.64 28.03
CA LEU B 146 -9.30 4.25 27.62
C LEU B 146 -10.02 3.94 26.30
N GLY B 147 -10.81 4.88 25.79
CA GLY B 147 -11.54 4.67 24.55
C GLY B 147 -11.37 5.79 23.55
N THR B 148 -12.23 6.80 23.61
CA THR B 148 -12.21 7.88 22.62
C THR B 148 -10.93 8.68 22.70
N LEU B 149 -10.52 9.06 23.92
CA LEU B 149 -9.26 9.75 24.13
C LEU B 149 -8.11 8.79 24.39
N GLY B 150 -8.30 7.50 24.12
CA GLY B 150 -7.28 6.50 24.36
C GLY B 150 -6.77 5.81 23.12
N MET B 151 -6.43 4.53 23.27
CA MET B 151 -5.86 3.73 22.20
C MET B 151 -6.83 3.51 21.03
N PRO B 152 -8.12 3.28 21.24
CA PRO B 152 -9.04 3.18 20.08
C PRO B 152 -9.15 4.48 19.29
N GLY B 153 -9.37 5.61 19.97
CA GLY B 153 -9.46 6.87 19.27
C GLY B 153 -8.17 7.23 18.57
N MET B 154 -7.03 6.92 19.19
CA MET B 154 -5.75 7.20 18.56
C MET B 154 -5.50 6.27 17.37
N THR B 155 -5.97 5.02 17.45
CA THR B 155 -5.93 4.14 16.29
C THR B 155 -6.72 4.75 15.13
N ALA B 156 -7.94 5.19 15.42
CA ALA B 156 -8.76 5.86 14.42
C ALA B 156 -8.04 7.04 13.80
N TRP B 157 -7.50 7.93 14.65
CA TRP B 157 -6.88 9.15 14.17
C TRP B 157 -5.63 8.87 13.34
N ALA B 158 -4.79 7.94 13.80
CA ALA B 158 -3.57 7.59 13.07
C ALA B 158 -3.90 6.95 11.73
N GLY B 159 -4.83 6.00 11.72
CA GLY B 159 -5.21 5.39 10.45
C GLY B 159 -5.83 6.36 9.49
N LEU B 160 -6.56 7.36 10.00
CA LEU B 160 -7.23 8.32 9.13
C LEU B 160 -6.25 9.33 8.56
N PHE B 161 -5.40 9.91 9.40
CA PHE B 161 -4.59 11.06 9.00
C PHE B 161 -3.12 10.75 8.74
N LYS B 162 -2.55 9.74 9.39
CA LYS B 162 -1.14 9.43 9.20
C LYS B 162 -0.90 8.28 8.24
N VAL B 163 -1.88 7.41 8.04
CA VAL B 163 -1.77 6.30 7.10
C VAL B 163 -2.52 6.58 5.82
N ALA B 164 -3.79 6.96 5.93
CA ALA B 164 -4.61 7.24 4.75
C ALA B 164 -4.39 8.64 4.18
N ASN B 165 -3.81 9.57 4.94
CA ASN B 165 -3.69 10.98 4.55
C ASN B 165 -5.02 11.51 4.04
N LEU B 166 -6.00 11.52 4.94
CA LEU B 166 -7.35 11.95 4.58
C LEU B 166 -7.32 13.45 4.34
N LYS B 167 -7.56 13.84 3.09
CA LYS B 167 -7.74 15.24 2.76
C LYS B 167 -9.19 15.65 3.04
N ASP B 168 -9.38 16.90 3.42
CA ASP B 168 -10.71 17.37 3.78
C ASP B 168 -11.64 17.33 2.57
N GLY B 169 -12.84 16.80 2.78
CA GLY B 169 -13.83 16.70 1.73
C GLY B 169 -13.86 15.37 0.99
N GLU B 170 -12.92 14.47 1.25
CA GLU B 170 -12.90 13.18 0.58
C GLU B 170 -14.02 12.28 1.08
N THR B 171 -14.27 11.19 0.34
CA THR B 171 -15.25 10.19 0.73
C THR B 171 -14.59 9.09 1.54
N VAL B 172 -15.31 8.58 2.55
CA VAL B 172 -14.76 7.64 3.51
C VAL B 172 -15.73 6.47 3.68
N PHE B 173 -15.21 5.25 3.54
CA PHE B 173 -15.95 4.04 3.84
C PHE B 173 -15.30 3.35 5.04
N VAL B 174 -16.10 3.06 6.06
CA VAL B 174 -15.63 2.46 7.31
C VAL B 174 -16.37 1.16 7.53
N SER B 175 -15.62 0.08 7.74
CA SER B 175 -16.21 -1.20 8.10
C SER B 175 -16.25 -1.35 9.62
N ALA B 176 -17.27 -2.05 10.10
CA ALA B 176 -17.55 -2.15 11.54
C ALA B 176 -17.59 -0.76 12.17
N ALA B 177 -18.37 0.13 11.56
CA ALA B 177 -18.36 1.54 11.91
C ALA B 177 -18.92 1.83 13.29
N SER B 178 -19.67 0.89 13.87
CA SER B 178 -20.23 1.08 15.21
C SER B 178 -19.26 0.66 16.32
N GLY B 179 -18.08 0.16 15.97
CA GLY B 179 -17.11 -0.24 16.96
C GLY B 179 -16.40 0.95 17.58
N ALA B 180 -15.53 0.64 18.56
CA ALA B 180 -14.81 1.69 19.26
C ALA B 180 -13.92 2.49 18.31
N VAL B 181 -13.29 1.82 17.35
CA VAL B 181 -12.42 2.51 16.41
C VAL B 181 -13.24 3.12 15.27
N GLY B 182 -14.19 2.37 14.73
CA GLY B 182 -14.95 2.83 13.57
C GLY B 182 -15.76 4.08 13.87
N SER B 183 -16.31 4.16 15.08
CA SER B 183 -17.09 5.35 15.46
C SER B 183 -16.23 6.60 15.45
N VAL B 184 -15.03 6.52 16.01
CA VAL B 184 -14.14 7.66 16.01
C VAL B 184 -13.69 8.00 14.60
N VAL B 185 -13.45 6.98 13.76
CA VAL B 185 -13.11 7.24 12.36
C VAL B 185 -14.23 8.04 11.69
N CYS B 186 -15.47 7.56 11.87
CA CYS B 186 -16.62 8.20 11.23
C CYS B 186 -16.76 9.65 11.67
N GLN B 187 -16.68 9.90 12.99
CA GLN B 187 -16.91 11.25 13.47
C GLN B 187 -15.75 12.18 13.15
N LEU B 188 -14.51 11.67 13.12
CA LEU B 188 -13.38 12.47 12.69
C LEU B 188 -13.52 12.87 11.22
N ALA B 189 -13.93 11.91 10.38
CA ALA B 189 -14.11 12.23 8.96
C ALA B 189 -15.25 13.23 8.76
N LYS B 190 -16.36 13.03 9.49
CA LYS B 190 -17.46 14.00 9.43
C LYS B 190 -16.99 15.39 9.83
N ALA B 191 -16.20 15.49 10.88
CA ALA B 191 -15.69 16.78 11.32
C ALA B 191 -14.81 17.46 10.28
N HIS B 192 -14.23 16.70 9.36
CA HIS B 192 -13.39 17.25 8.30
C HIS B 192 -14.14 17.39 6.97
N GLY B 193 -15.47 17.46 7.02
CA GLY B 193 -16.24 17.73 5.82
C GLY B 193 -16.31 16.58 4.85
N CYS B 194 -16.30 15.35 5.34
CA CYS B 194 -16.24 14.16 4.49
C CYS B 194 -17.61 13.49 4.38
N TYR B 195 -17.87 12.94 3.19
CA TYR B 195 -19.04 12.09 2.97
C TYR B 195 -18.72 10.69 3.49
N VAL B 196 -19.42 10.27 4.54
CA VAL B 196 -19.06 9.08 5.30
C VAL B 196 -20.18 8.05 5.19
N VAL B 197 -19.82 6.84 4.76
CA VAL B 197 -20.70 5.69 4.78
C VAL B 197 -20.08 4.63 5.68
N GLY B 198 -20.88 4.05 6.56
CA GLY B 198 -20.39 3.06 7.49
C GLY B 198 -21.12 1.74 7.35
N SER B 199 -20.50 0.66 7.84
CA SER B 199 -21.06 -0.67 7.77
C SER B 199 -21.28 -1.20 9.18
N ALA B 200 -22.36 -1.96 9.36
CA ALA B 200 -22.72 -2.49 10.67
C ALA B 200 -23.52 -3.77 10.49
N GLY B 201 -23.59 -4.55 11.55
CA GLY B 201 -24.23 -5.85 11.51
C GLY B 201 -25.69 -5.89 11.93
N SER B 202 -26.29 -4.76 12.29
CA SER B 202 -27.68 -4.75 12.72
C SER B 202 -28.27 -3.37 12.46
N ASP B 203 -29.61 -3.32 12.40
CA ASP B 203 -30.31 -2.06 12.16
C ASP B 203 -30.19 -1.10 13.32
N GLU B 204 -30.09 -1.61 14.55
CA GLU B 204 -29.89 -0.72 15.68
C GLU B 204 -28.56 0.02 15.57
N LYS B 205 -27.51 -0.69 15.19
CA LYS B 205 -26.21 -0.06 15.03
C LYS B 205 -26.23 0.92 13.87
N CYS B 206 -26.97 0.62 12.80
CA CYS B 206 -27.08 1.54 11.68
C CYS B 206 -27.83 2.80 12.07
N LYS B 207 -28.92 2.66 12.84
CA LYS B 207 -29.64 3.83 13.33
C LYS B 207 -28.75 4.68 14.22
N TRP B 208 -27.94 4.04 15.07
CA TRP B 208 -27.00 4.79 15.88
C TRP B 208 -25.99 5.52 15.01
N LEU B 209 -25.46 4.85 13.99
CA LEU B 209 -24.48 5.47 13.10
C LEU B 209 -25.06 6.69 12.39
N GLU B 210 -26.30 6.59 11.93
CA GLU B 210 -26.87 7.68 11.13
C GLU B 210 -27.36 8.83 12.00
N GLU B 211 -27.93 8.52 13.17
CA GLU B 211 -28.57 9.55 13.99
C GLU B 211 -27.70 10.08 15.12
N VAL B 212 -26.84 9.25 15.71
CA VAL B 212 -25.97 9.71 16.79
C VAL B 212 -24.61 10.10 16.23
N ALA B 213 -23.95 9.15 15.54
CA ALA B 213 -22.66 9.45 14.94
C ALA B 213 -22.78 10.45 13.79
N GLY B 214 -23.93 10.46 13.11
CA GLY B 214 -24.19 11.44 12.07
C GLY B 214 -23.44 11.20 10.78
N ILE B 215 -23.47 9.98 10.27
CA ILE B 215 -22.86 9.66 8.99
C ILE B 215 -23.94 9.69 7.91
N ASP B 216 -23.50 9.76 6.65
CA ASP B 216 -24.43 9.98 5.56
C ASP B 216 -25.27 8.74 5.25
N LYS B 217 -24.71 7.55 5.42
CA LYS B 217 -25.47 6.34 5.18
C LYS B 217 -24.81 5.18 5.93
N ALA B 218 -25.64 4.30 6.48
CA ALA B 218 -25.18 3.09 7.16
C ALA B 218 -25.72 1.88 6.42
N ILE B 219 -24.85 0.90 6.15
CA ILE B 219 -25.20 -0.30 5.41
C ILE B 219 -25.22 -1.49 6.37
N ASN B 220 -26.29 -2.28 6.30
CA ASN B 220 -26.38 -3.52 7.07
C ASN B 220 -25.89 -4.65 6.16
N TYR B 221 -24.66 -5.12 6.39
CA TYR B 221 -24.09 -6.13 5.52
C TYR B 221 -24.78 -7.48 5.66
N LYS B 222 -25.63 -7.66 6.66
CA LYS B 222 -26.37 -8.91 6.79
C LYS B 222 -27.63 -8.93 5.93
N THR B 223 -28.22 -7.77 5.63
CA THR B 223 -29.49 -7.69 4.92
C THR B 223 -29.42 -7.02 3.57
N CYS B 224 -28.34 -6.31 3.24
CA CYS B 224 -28.27 -5.50 2.04
C CYS B 224 -28.07 -6.30 0.76
N GLY B 225 -28.07 -7.63 0.84
CA GLY B 225 -27.81 -8.43 -0.34
C GLY B 225 -26.34 -8.37 -0.73
N ASP B 226 -26.09 -8.21 -2.03
CA ASP B 226 -24.73 -8.11 -2.53
C ASP B 226 -24.05 -6.87 -1.98
N LEU B 227 -22.99 -7.07 -1.19
CA LEU B 227 -22.36 -5.95 -0.51
C LEU B 227 -21.52 -5.10 -1.44
N THR B 228 -20.91 -5.71 -2.46
CA THR B 228 -20.24 -4.92 -3.50
C THR B 228 -21.21 -3.92 -4.11
N LYS B 229 -22.39 -4.39 -4.50
CA LYS B 229 -23.38 -3.50 -5.13
C LYS B 229 -23.88 -2.44 -4.14
N ALA B 230 -24.07 -2.83 -2.87
CA ALA B 230 -24.52 -1.87 -1.86
C ALA B 230 -23.51 -0.76 -1.66
N VAL B 231 -22.21 -1.11 -1.58
CA VAL B 231 -21.18 -0.10 -1.42
C VAL B 231 -21.09 0.77 -2.67
N ALA B 232 -21.19 0.16 -3.84
CA ALA B 232 -21.15 0.94 -5.08
C ALA B 232 -22.29 1.94 -5.14
N ASP B 233 -23.49 1.52 -4.76
CA ASP B 233 -24.63 2.44 -4.75
C ASP B 233 -24.48 3.51 -3.68
N ALA B 234 -23.81 3.18 -2.56
CA ALA B 234 -23.61 4.17 -1.51
C ALA B 234 -22.61 5.25 -1.90
N PHE B 235 -21.72 4.99 -2.85
CA PHE B 235 -20.70 5.95 -3.28
C PHE B 235 -20.87 6.26 -4.76
N PRO B 236 -21.65 7.28 -5.10
CA PRO B 236 -21.88 7.58 -6.52
C PRO B 236 -20.62 8.02 -7.26
N LYS B 237 -19.65 8.61 -6.56
CA LYS B 237 -18.40 9.04 -7.18
C LYS B 237 -17.20 8.26 -6.69
N GLY B 238 -17.42 7.19 -5.93
CA GLY B 238 -16.35 6.31 -5.49
C GLY B 238 -15.90 6.60 -4.06
N ILE B 239 -14.90 5.84 -3.63
CA ILE B 239 -14.35 5.93 -2.29
C ILE B 239 -12.95 6.49 -2.36
N ASP B 240 -12.63 7.44 -1.48
CA ASP B 240 -11.29 7.97 -1.36
C ASP B 240 -10.47 7.25 -0.30
N VAL B 241 -11.07 7.06 0.89
CA VAL B 241 -10.37 6.46 2.03
C VAL B 241 -11.22 5.31 2.53
N TYR B 242 -10.59 4.17 2.79
CA TYR B 242 -11.25 2.98 3.32
C TYR B 242 -10.56 2.59 4.61
N PHE B 243 -11.29 2.66 5.71
CA PHE B 243 -10.78 2.23 7.01
C PHE B 243 -11.32 0.83 7.27
N GLU B 244 -10.41 -0.13 7.44
CA GLU B 244 -10.76 -1.54 7.47
C GLU B 244 -10.70 -2.09 8.89
N ASN B 245 -11.76 -2.79 9.29
CA ASN B 245 -11.80 -3.52 10.55
C ASN B 245 -12.37 -4.93 10.41
N VAL B 246 -12.97 -5.27 9.27
CA VAL B 246 -13.63 -6.57 9.11
C VAL B 246 -12.87 -7.44 8.11
N GLY B 247 -12.99 -7.13 6.82
CA GLY B 247 -12.27 -7.88 5.82
C GLY B 247 -13.18 -8.68 4.93
N GLY B 248 -12.59 -9.65 4.23
CA GLY B 248 -13.34 -10.55 3.39
C GLY B 248 -13.98 -9.83 2.21
N LYS B 249 -15.31 -9.94 2.11
CA LYS B 249 -16.03 -9.28 1.04
C LYS B 249 -16.09 -7.77 1.22
N HIS B 250 -15.86 -7.28 2.45
CA HIS B 250 -15.81 -5.84 2.67
C HIS B 250 -14.66 -5.21 1.90
N LEU B 251 -13.48 -5.84 1.96
CA LEU B 251 -12.33 -5.32 1.21
C LEU B 251 -12.58 -5.41 -0.29
N GLU B 252 -13.21 -6.49 -0.74
CA GLU B 252 -13.55 -6.61 -2.16
C GLU B 252 -14.45 -5.48 -2.61
N ALA B 253 -15.51 -5.21 -1.84
CA ALA B 253 -16.42 -4.12 -2.18
C ALA B 253 -15.71 -2.78 -2.17
N ALA B 254 -14.90 -2.53 -1.15
CA ALA B 254 -14.17 -1.27 -1.07
C ALA B 254 -13.28 -1.07 -2.29
N ILE B 255 -12.46 -2.07 -2.61
CA ILE B 255 -11.58 -1.99 -3.78
C ILE B 255 -12.39 -1.76 -5.04
N ASN B 256 -13.54 -2.43 -5.17
CA ASN B 256 -14.37 -2.22 -6.34
C ASN B 256 -14.87 -0.79 -6.44
N ALA B 257 -15.18 -0.17 -5.30
CA ALA B 257 -15.74 1.18 -5.28
C ALA B 257 -14.71 2.26 -5.01
N MET B 258 -13.43 1.90 -4.90
CA MET B 258 -12.41 2.91 -4.60
C MET B 258 -12.03 3.70 -5.84
N ARG B 259 -11.69 4.97 -5.63
CA ARG B 259 -11.31 5.90 -6.68
C ARG B 259 -9.82 5.79 -6.96
N PRO B 260 -9.37 6.32 -8.11
CA PRO B 260 -7.93 6.39 -8.37
C PRO B 260 -7.20 7.08 -7.21
N ASN B 261 -6.07 6.49 -6.82
CA ASN B 261 -5.26 6.93 -5.69
C ASN B 261 -6.00 6.79 -4.36
N GLY B 262 -7.00 5.92 -4.31
CA GLY B 262 -7.68 5.66 -3.05
C GLY B 262 -6.75 4.93 -2.09
N ARG B 263 -6.86 5.28 -0.82
CA ARG B 263 -6.02 4.69 0.21
C ARG B 263 -6.88 3.89 1.20
N ALA B 264 -6.37 2.74 1.60
CA ALA B 264 -7.05 1.85 2.53
C ALA B 264 -6.11 1.61 3.71
N ALA B 265 -6.49 2.14 4.86
CA ALA B 265 -5.77 1.87 6.10
C ALA B 265 -6.43 0.66 6.77
N LEU B 266 -5.66 -0.41 6.94
CA LEU B 266 -6.17 -1.67 7.43
C LEU B 266 -5.73 -1.83 8.87
N CYS B 267 -6.70 -1.91 9.78
CA CYS B 267 -6.45 -1.95 11.20
C CYS B 267 -6.92 -3.23 11.89
N GLY B 268 -7.95 -3.89 11.37
CA GLY B 268 -8.58 -4.97 12.11
C GLY B 268 -8.54 -6.36 11.50
N MET B 269 -9.10 -6.51 10.29
CA MET B 269 -9.35 -7.82 9.69
C MET B 269 -10.22 -8.66 10.63
N PRO B 280 -10.35 -17.04 2.15
CA PRO B 280 -11.01 -16.49 0.96
C PRO B 280 -10.74 -15.00 0.79
N GLY B 281 -9.78 -14.66 -0.05
CA GLY B 281 -9.41 -13.28 -0.27
C GLY B 281 -10.15 -12.64 -1.44
N PRO B 282 -10.05 -11.31 -1.55
CA PRO B 282 -10.71 -10.61 -2.65
C PRO B 282 -10.24 -11.11 -4.01
N THR B 283 -11.18 -11.16 -4.95
CA THR B 283 -10.94 -11.68 -6.29
C THR B 283 -10.61 -10.57 -7.29
N ASN B 284 -10.56 -9.31 -6.84
CA ASN B 284 -10.40 -8.15 -7.71
C ASN B 284 -9.13 -7.38 -7.40
N LEU B 285 -8.06 -8.09 -7.01
CA LEU B 285 -6.82 -7.43 -6.62
C LEU B 285 -6.20 -6.64 -7.78
N ILE B 286 -6.49 -7.01 -9.03
CA ILE B 286 -5.92 -6.32 -10.18
C ILE B 286 -6.19 -4.83 -10.13
N GLN B 287 -7.34 -4.42 -9.58
CA GLN B 287 -7.69 -3.01 -9.54
C GLN B 287 -6.69 -2.20 -8.74
N ILE B 288 -5.99 -2.83 -7.79
CA ILE B 288 -4.94 -2.12 -7.05
C ILE B 288 -3.93 -1.52 -8.03
N VAL B 289 -3.57 -2.28 -9.06
CA VAL B 289 -2.70 -1.74 -10.10
C VAL B 289 -3.45 -0.72 -10.94
N GLY B 290 -4.72 -1.00 -11.25
CA GLY B 290 -5.45 -0.16 -12.19
C GLY B 290 -5.65 1.26 -11.68
N LYS B 291 -6.17 1.38 -10.45
CA LYS B 291 -6.48 2.69 -9.88
C LYS B 291 -5.38 3.20 -8.96
N SER B 292 -4.19 2.58 -8.98
CA SER B 292 -3.06 3.00 -8.16
C SER B 292 -3.43 3.05 -6.69
N LEU B 293 -4.06 1.98 -6.21
CA LEU B 293 -4.52 1.93 -4.84
C LEU B 293 -3.36 1.61 -3.89
N ARG B 294 -3.45 2.16 -2.68
CA ARG B 294 -2.49 1.91 -1.62
C ARG B 294 -3.20 1.23 -0.47
N LEU B 295 -2.68 0.09 -0.03
CA LEU B 295 -3.24 -0.68 1.07
C LEU B 295 -2.17 -0.83 2.14
N GLN B 296 -2.40 -0.23 3.31
CA GLN B 296 -1.37 -0.17 4.34
C GLN B 296 -1.92 -0.66 5.67
N GLY B 297 -1.33 -1.73 6.19
CA GLY B 297 -1.57 -2.10 7.58
C GLY B 297 -0.71 -1.26 8.53
N PHE B 298 -1.21 -1.09 9.74
CA PHE B 298 -0.51 -0.27 10.72
C PHE B 298 -0.90 -0.71 12.12
N ILE B 299 -0.05 -0.38 13.08
CA ILE B 299 -0.30 -0.60 14.50
C ILE B 299 -0.23 0.75 15.21
N VAL B 300 -1.16 0.98 16.14
CA VAL B 300 -1.28 2.29 16.77
C VAL B 300 -0.03 2.61 17.59
N SER B 301 0.66 1.59 18.10
CA SER B 301 1.85 1.81 18.90
C SER B 301 2.90 2.66 18.19
N ASN B 302 2.97 2.56 16.86
CA ASN B 302 3.96 3.28 16.08
C ASN B 302 3.58 4.73 15.82
N TYR B 303 2.54 5.25 16.47
CA TYR B 303 2.10 6.61 16.21
C TYR B 303 1.89 7.43 17.49
N PHE B 304 2.29 6.89 18.64
CA PHE B 304 2.16 7.63 19.90
C PHE B 304 2.90 8.97 19.86
N GLN B 305 3.89 9.11 18.98
CA GLN B 305 4.64 10.36 18.85
C GLN B 305 3.76 11.50 18.37
N HIS B 306 2.49 11.22 18.07
CA HIS B 306 1.54 12.24 17.65
C HIS B 306 0.52 12.56 18.73
N MET B 307 0.64 11.97 19.92
CA MET B 307 -0.42 12.03 20.93
C MET B 307 -0.89 13.46 21.18
N GLY B 308 0.06 14.37 21.42
CA GLY B 308 -0.24 15.77 21.58
C GLY B 308 -1.17 16.28 20.50
N GLU B 309 -0.71 16.21 19.25
CA GLU B 309 -1.54 16.62 18.12
C GLU B 309 -2.90 15.96 18.17
N PHE B 310 -2.92 14.65 18.43
CA PHE B 310 -4.19 13.92 18.59
C PHE B 310 -5.10 14.65 19.56
N PHE B 311 -4.61 14.86 20.78
CA PHE B 311 -5.39 15.57 21.78
C PHE B 311 -5.84 16.93 21.27
N ALA B 312 -4.92 17.65 20.60
CA ALA B 312 -5.23 18.98 20.10
C ALA B 312 -6.48 18.98 19.21
N GLU B 313 -6.73 17.88 18.51
CA GLU B 313 -7.94 17.81 17.71
C GLU B 313 -9.10 17.19 18.48
N MET B 314 -8.80 16.20 19.34
CA MET B 314 -9.87 15.40 19.93
C MET B 314 -10.58 16.13 21.06
N GLY B 315 -9.87 16.99 21.79
CA GLY B 315 -10.45 17.75 22.87
C GLY B 315 -11.62 18.63 22.47
N PRO B 316 -11.38 19.59 21.58
CA PRO B 316 -12.48 20.47 21.15
C PRO B 316 -13.68 19.72 20.60
N LEU B 317 -13.45 18.76 19.70
CA LEU B 317 -14.55 18.07 19.04
C LEU B 317 -15.39 17.25 20.00
N ILE B 318 -14.84 16.88 21.16
CA ILE B 318 -15.65 16.27 22.21
C ILE B 318 -16.51 17.33 22.89
N GLN B 319 -15.92 18.47 23.21
CA GLN B 319 -16.67 19.53 23.89
C GLN B 319 -17.75 20.11 22.98
N SER B 320 -17.50 20.17 21.68
CA SER B 320 -18.51 20.63 20.73
C SER B 320 -19.67 19.65 20.59
N GLY B 321 -19.54 18.44 21.10
CA GLY B 321 -20.55 17.41 20.88
C GLY B 321 -20.45 16.72 19.54
N LYS B 322 -19.39 16.98 18.76
CA LYS B 322 -19.21 16.33 17.48
C LYS B 322 -18.52 14.98 17.60
N MET B 323 -18.07 14.60 18.79
CA MET B 323 -17.41 13.32 19.04
C MET B 323 -18.13 12.63 20.19
N LYS B 324 -18.98 11.67 19.85
CA LYS B 324 -19.78 10.93 20.82
C LYS B 324 -19.35 9.48 20.86
N TRP B 325 -19.63 8.81 21.98
CA TRP B 325 -19.29 7.41 22.13
C TRP B 325 -20.21 6.78 23.16
N GLU B 326 -20.30 5.45 23.10
CA GLU B 326 -21.09 4.67 24.04
C GLU B 326 -20.18 3.83 24.92
N GLU B 327 -20.60 3.61 26.16
CA GLU B 327 -19.83 2.84 27.12
C GLU B 327 -20.68 1.70 27.69
N THR B 328 -20.00 0.61 28.05
CA THR B 328 -20.62 -0.50 28.78
C THR B 328 -19.72 -0.78 29.97
N VAL B 329 -20.22 -0.47 31.17
CA VAL B 329 -19.40 -0.45 32.39
C VAL B 329 -19.84 -1.58 33.30
N GLU B 330 -18.92 -2.47 33.62
CA GLU B 330 -19.13 -3.42 34.71
C GLU B 330 -18.55 -2.86 36.00
N GLU B 331 -19.00 -3.41 37.12
CA GLU B 331 -18.65 -2.89 38.44
C GLU B 331 -17.92 -3.96 39.23
N GLY B 332 -16.82 -3.58 39.86
CA GLY B 332 -16.07 -4.49 40.71
C GLY B 332 -14.98 -5.24 39.95
N ILE B 333 -13.83 -5.43 40.60
CA ILE B 333 -12.74 -6.19 39.99
C ILE B 333 -13.18 -7.61 39.68
N GLU B 334 -14.05 -8.19 40.50
CA GLU B 334 -14.51 -9.56 40.29
C GLU B 334 -15.24 -9.73 38.97
N ASN B 335 -15.77 -8.65 38.39
CA ASN B 335 -16.46 -8.75 37.12
C ASN B 335 -15.56 -8.44 35.94
N ALA B 336 -14.26 -8.27 36.18
CA ALA B 336 -13.33 -8.05 35.07
C ALA B 336 -13.33 -9.20 34.07
N PRO B 337 -13.36 -10.48 34.48
CA PRO B 337 -13.45 -11.54 33.46
C PRO B 337 -14.76 -11.52 32.68
N LYS B 338 -15.90 -11.41 33.37
CA LYS B 338 -17.20 -11.30 32.73
C LYS B 338 -17.18 -10.32 31.57
N ALA B 339 -16.79 -9.07 31.85
CA ALA B 339 -16.71 -8.05 30.80
C ALA B 339 -15.89 -8.54 29.62
N PHE B 340 -14.72 -9.11 29.90
CA PHE B 340 -13.88 -9.60 28.82
C PHE B 340 -14.61 -10.67 28.01
N LEU B 341 -15.35 -11.55 28.68
CA LEU B 341 -16.08 -12.60 27.98
C LEU B 341 -17.21 -12.04 27.13
N ASN B 342 -17.71 -10.84 27.43
CA ASN B 342 -18.83 -10.28 26.68
C ASN B 342 -18.43 -9.66 25.34
N LEU B 343 -17.15 -9.59 25.01
CA LEU B 343 -16.75 -9.11 23.69
C LEU B 343 -16.91 -10.22 22.65
N GLY B 350 -20.87 -1.09 22.64
CA GLY B 350 -20.19 -0.02 23.34
C GLY B 350 -18.80 -0.39 23.82
N LYS B 351 -18.00 0.61 24.14
CA LYS B 351 -16.65 0.37 24.65
C LYS B 351 -16.72 -0.24 26.04
N MET B 352 -16.08 -1.39 26.21
CA MET B 352 -16.17 -2.14 27.46
C MET B 352 -15.19 -1.62 28.49
N LEU B 353 -15.70 -1.29 29.67
CA LEU B 353 -14.88 -0.83 30.78
C LEU B 353 -15.31 -1.52 32.06
N VAL B 354 -14.44 -1.45 33.06
CA VAL B 354 -14.76 -1.94 34.40
C VAL B 354 -14.33 -0.88 35.41
N LYS B 355 -15.27 -0.48 36.26
CA LYS B 355 -15.03 0.50 37.30
C LYS B 355 -14.49 -0.21 38.54
N ILE B 356 -13.39 0.30 39.08
CA ILE B 356 -12.76 -0.34 40.24
C ILE B 356 -12.94 0.53 41.47
N GLY B 357 -12.22 1.65 41.54
CA GLY B 357 -12.33 2.53 42.68
C GLY B 357 -13.21 3.74 42.40
N PRO B 358 -13.49 4.53 43.44
CA PRO B 358 -14.24 5.78 43.26
C PRO B 358 -13.34 6.90 42.76
N ASP B 359 -13.99 7.88 42.12
CA ASP B 359 -13.28 9.04 41.59
C ASP B 359 -12.54 9.79 42.70
#